data_3CSK
#
_entry.id   3CSK
#
_cell.length_a   60.621
_cell.length_b   110.121
_cell.length_c   67.908
_cell.angle_alpha   90.00
_cell.angle_beta   113.45
_cell.angle_gamma   90.00
#
_symmetry.space_group_name_H-M   'P 1 21 1'
#
loop_
_entity.id
_entity.type
_entity.pdbx_description
1 polymer 'Probable dipeptidyl-peptidase 3'
2 non-polymer 'ZINC ION'
3 non-polymer 'MAGNESIUM ION'
4 water water
#
_entity_poly.entity_id   1
_entity_poly.type   'polypeptide(L)'
_entity_poly.pdbx_seq_one_letter_code
;MSHFFADHDAPLSMLSVKTEYFPQLTDKEQKYAHFMSKASHAGSRVVMRQVSHESEPIFDLILAIHSKLNGKYPEDDITQ
KQQTGLYLEYVSQFLSNLGNFKSFGDTKFIPRCEVKFFKQLLELAKINPSSSPLTLSPVDVNHEFTSHHLFSTINELIDI
GIYHVEEKAALLGFPSQGYTSAYYLGLPVTPEDMALLKEQLFAELAILPENTRINKVGENSFQIWVASENVKNQITETYP
SGQITLSNAVTKVEFIFGDHSREMRLVASYLKEAQKFAANDTQKAMLQEYINHFVTGSSQAHKEAQKLWVKDISPVIETN
IGFIETYREPSGIIGEFESLVAIQNKERTAKFSSLVNNAEEFISLLPWSKDYEKPIFNPPDFTSLEVLTFTGSGIPAGIN
IPNYDDVRLKIGFKNVSLGNILSAAAKSSSKHPPSFISQEDRPIFEKYQSDSFEVQVDIHELLGHGSGKLLTEFTDGFNF
DKENPPLGLDGKPVSTYYKVGETWGSKFGQLAGPFEECRAEVIAMFLLTNKKILDIFGFHDVESQDKVIYAGYLQMARAG
LLALEYWNPKTGKWGQPHMQARFSIMKTFMKHSTDKNFLKLEMNSTNDDFAIKLDKSLIKTAGHECVKDYLKHLHVYKCS
GDVEQGSKYFIDRSTVTPDLASLRDIVLSKRLPRRQFIQSNSYIDDNNKVTLKEYDETPQGMLQSFLDREL
;
_entity_poly.pdbx_strand_id   A
#
# COMPACT_ATOMS: atom_id res chain seq x y z
N SER A 2 -15.00 5.40 -19.20
CA SER A 2 -13.68 4.90 -18.82
C SER A 2 -13.07 4.05 -19.94
N HIS A 3 -11.75 4.13 -20.08
CA HIS A 3 -11.04 3.37 -21.10
C HIS A 3 -10.41 2.11 -20.50
N PHE A 4 -10.05 1.17 -21.38
CA PHE A 4 -9.45 -0.08 -20.93
C PHE A 4 -7.98 -0.18 -21.36
N PHE A 5 -7.36 0.96 -21.63
CA PHE A 5 -5.97 1.00 -22.05
C PHE A 5 -5.02 1.09 -20.86
N ALA A 6 -3.82 0.55 -21.03
CA ALA A 6 -2.78 0.71 -20.02
C ALA A 6 -2.41 2.18 -19.89
N ASP A 7 -1.85 2.54 -18.74
CA ASP A 7 -1.47 3.92 -18.48
C ASP A 7 -0.33 4.38 -19.39
N HIS A 8 -0.33 5.66 -19.71
CA HIS A 8 0.74 6.26 -20.49
C HIS A 8 1.49 7.26 -19.60
N ASP A 9 2.82 7.18 -19.63
CA ASP A 9 3.65 8.06 -18.80
C ASP A 9 3.41 7.82 -17.32
N ALA A 10 3.21 6.56 -16.95
CA ALA A 10 3.04 6.20 -15.56
C ALA A 10 4.35 6.44 -14.81
N PRO A 11 4.27 7.03 -13.62
CA PRO A 11 5.46 7.28 -12.80
C PRO A 11 6.03 5.97 -12.28
N LEU A 12 7.34 5.81 -12.38
CA LEU A 12 7.99 4.60 -11.88
C LEU A 12 8.95 4.92 -10.73
N SER A 13 8.74 4.25 -9.60
CA SER A 13 9.58 4.45 -8.43
C SER A 13 10.41 3.22 -8.12
N MET A 14 11.73 3.40 -8.08
CA MET A 14 12.62 2.33 -7.67
C MET A 14 12.68 2.31 -6.15
N LEU A 15 12.15 1.25 -5.55
CA LEU A 15 12.17 1.11 -4.09
C LEU A 15 13.59 0.92 -3.60
N SER A 16 14.36 2.00 -3.63
CA SER A 16 15.77 1.96 -3.25
C SER A 16 15.95 1.94 -1.75
N VAL A 17 16.71 0.97 -1.26
CA VAL A 17 17.10 0.91 0.14
C VAL A 17 18.58 0.55 0.23
N LYS A 18 19.24 0.51 -0.92
CA LYS A 18 20.62 0.06 -1.02
C LYS A 18 21.62 1.08 -0.47
N THR A 19 21.33 2.36 -0.64
CA THR A 19 22.27 3.41 -0.28
C THR A 19 22.26 3.78 1.20
N GLU A 20 21.06 3.86 1.77
CA GLU A 20 20.92 4.39 3.13
C GLU A 20 20.48 3.36 4.18
N TYR A 21 19.44 2.59 3.86
CA TYR A 21 18.83 1.71 4.84
C TYR A 21 19.52 0.35 4.99
N PHE A 22 19.65 -0.37 3.89
CA PHE A 22 20.20 -1.73 3.92
C PHE A 22 21.57 -1.83 4.60
N PRO A 23 22.49 -0.88 4.32
CA PRO A 23 23.82 -0.91 4.94
C PRO A 23 23.78 -0.90 6.47
N GLN A 24 22.66 -0.44 7.03
CA GLN A 24 22.53 -0.35 8.49
C GLN A 24 22.28 -1.72 9.11
N LEU A 25 21.80 -2.66 8.31
CA LEU A 25 21.50 -4.00 8.79
C LEU A 25 22.78 -4.79 9.03
N THR A 26 22.76 -5.66 10.03
CA THR A 26 23.88 -6.56 10.28
C THR A 26 23.94 -7.58 9.15
N ASP A 27 25.03 -8.34 9.09
CA ASP A 27 25.18 -9.37 8.06
C ASP A 27 24.03 -10.37 8.15
N LYS A 28 23.76 -10.83 9.35
CA LYS A 28 22.69 -11.80 9.58
C LYS A 28 21.35 -11.27 9.08
N GLU A 29 21.05 -10.02 9.41
CA GLU A 29 19.80 -9.39 8.99
C GLU A 29 19.70 -9.29 7.47
N GLN A 30 20.83 -9.04 6.82
CA GLN A 30 20.88 -8.93 5.36
C GLN A 30 20.60 -10.29 4.69
N LYS A 31 21.17 -11.34 5.25
CA LYS A 31 20.95 -12.69 4.73
C LYS A 31 19.49 -13.09 4.88
N TYR A 32 18.93 -12.83 6.06
CA TYR A 32 17.53 -13.12 6.33
C TYR A 32 16.63 -12.36 5.36
N ALA A 33 16.87 -11.07 5.21
CA ALA A 33 16.13 -10.24 4.27
C ALA A 33 16.26 -10.80 2.87
N HIS A 34 17.45 -11.29 2.54
CA HIS A 34 17.72 -11.84 1.22
C HIS A 34 16.84 -13.03 0.88
N PHE A 35 16.90 -14.06 1.72
CA PHE A 35 16.17 -15.30 1.44
C PHE A 35 14.66 -15.15 1.54
N MET A 36 14.20 -14.26 2.42
CA MET A 36 12.78 -13.97 2.50
C MET A 36 12.33 -13.28 1.22
N SER A 37 13.22 -12.47 0.64
N SER A 37 13.22 -12.47 0.64
CA SER A 37 12.95 -11.79 -0.61
CA SER A 37 12.93 -11.80 -0.62
C SER A 37 12.85 -12.80 -1.75
C SER A 37 12.85 -12.81 -1.76
N LYS A 38 13.77 -13.76 -1.77
CA LYS A 38 13.77 -14.81 -2.78
C LYS A 38 12.48 -15.63 -2.67
N ALA A 39 12.10 -15.95 -1.44
CA ALA A 39 10.86 -16.68 -1.18
C ALA A 39 9.67 -15.89 -1.71
N SER A 40 9.69 -14.58 -1.49
CA SER A 40 8.61 -13.71 -1.93
C SER A 40 8.47 -13.76 -3.44
N HIS A 41 9.56 -13.51 -4.16
CA HIS A 41 9.53 -13.44 -5.62
C HIS A 41 9.14 -14.77 -6.25
N ALA A 42 9.42 -15.87 -5.55
CA ALA A 42 9.11 -17.20 -6.07
C ALA A 42 7.61 -17.38 -6.27
N GLY A 43 6.82 -16.50 -5.67
CA GLY A 43 5.37 -16.58 -5.76
C GLY A 43 4.78 -15.65 -6.80
N SER A 44 5.63 -15.00 -7.59
CA SER A 44 5.16 -14.05 -8.59
C SER A 44 4.14 -14.70 -9.54
N ARG A 45 4.48 -15.86 -10.06
CA ARG A 45 3.58 -16.58 -10.98
C ARG A 45 2.26 -16.96 -10.31
N VAL A 46 2.33 -17.21 -8.99
CA VAL A 46 1.13 -17.57 -8.25
C VAL A 46 0.11 -16.45 -8.34
N VAL A 47 0.55 -15.22 -8.08
CA VAL A 47 -0.32 -14.06 -8.15
C VAL A 47 -0.93 -13.95 -9.54
N MET A 48 -0.11 -14.10 -10.57
CA MET A 48 -0.56 -14.01 -11.95
C MET A 48 -1.71 -14.96 -12.22
N ARG A 49 -1.55 -16.21 -11.80
CA ARG A 49 -2.57 -17.23 -12.01
C ARG A 49 -3.86 -16.90 -11.26
N GLN A 50 -3.77 -15.97 -10.32
CA GLN A 50 -4.94 -15.59 -9.52
C GLN A 50 -5.60 -14.31 -10.03
N VAL A 51 -4.95 -13.64 -10.97
CA VAL A 51 -5.48 -12.39 -11.51
C VAL A 51 -6.40 -12.65 -12.72
N SER A 52 -5.88 -13.39 -13.69
CA SER A 52 -6.68 -13.80 -14.84
C SER A 52 -6.00 -14.98 -15.52
N HIS A 53 -6.79 -15.80 -16.20
CA HIS A 53 -6.26 -17.02 -16.81
C HIS A 53 -5.17 -16.76 -17.83
N GLU A 54 -5.25 -15.62 -18.52
CA GLU A 54 -4.27 -15.27 -19.54
C GLU A 54 -2.99 -14.65 -18.96
N SER A 55 -3.04 -14.27 -17.68
CA SER A 55 -1.94 -13.52 -17.08
C SER A 55 -0.58 -14.22 -17.15
N GLU A 56 -0.48 -15.45 -16.66
CA GLU A 56 0.79 -16.15 -16.72
C GLU A 56 1.26 -16.41 -18.16
N PRO A 57 0.35 -16.89 -19.02
CA PRO A 57 0.69 -17.04 -20.44
C PRO A 57 1.27 -15.76 -21.04
N ILE A 58 0.64 -14.63 -20.75
CA ILE A 58 1.13 -13.34 -21.22
C ILE A 58 2.54 -13.07 -20.69
N PHE A 59 2.76 -13.41 -19.43
CA PHE A 59 4.07 -13.26 -18.81
C PHE A 59 5.10 -14.07 -19.59
N ASP A 60 4.79 -15.34 -19.85
CA ASP A 60 5.69 -16.20 -20.60
C ASP A 60 5.97 -15.64 -21.99
N LEU A 61 4.93 -15.14 -22.64
CA LEU A 61 5.08 -14.58 -23.98
C LEU A 61 6.00 -13.37 -23.95
N ILE A 62 5.81 -12.50 -22.96
CA ILE A 62 6.64 -11.33 -22.79
C ILE A 62 8.12 -11.73 -22.65
N LEU A 63 8.36 -12.75 -21.83
CA LEU A 63 9.71 -13.26 -21.64
C LEU A 63 10.27 -13.84 -22.93
N ALA A 64 9.46 -14.64 -23.62
CA ALA A 64 9.86 -15.26 -24.87
C ALA A 64 10.25 -14.22 -25.92
N ILE A 65 9.39 -13.23 -26.10
CA ILE A 65 9.64 -12.15 -27.05
C ILE A 65 10.97 -11.46 -26.75
N HIS A 66 11.14 -11.02 -25.50
CA HIS A 66 12.36 -10.33 -25.10
C HIS A 66 13.59 -11.19 -25.33
N SER A 67 13.49 -12.47 -25.03
CA SER A 67 14.61 -13.39 -25.18
C SER A 67 14.99 -13.58 -26.64
N LYS A 68 13.99 -13.85 -27.48
CA LYS A 68 14.23 -14.11 -28.90
C LYS A 68 14.61 -12.86 -29.68
N LEU A 69 14.39 -11.69 -29.08
CA LEU A 69 14.75 -10.42 -29.71
C LEU A 69 16.06 -9.88 -29.13
N ASN A 70 16.65 -10.63 -28.21
CA ASN A 70 17.88 -10.20 -27.54
C ASN A 70 17.73 -8.81 -26.93
N GLY A 71 16.52 -8.49 -26.48
CA GLY A 71 16.25 -7.21 -25.86
C GLY A 71 16.26 -6.05 -26.83
N LYS A 72 16.34 -6.35 -28.12
CA LYS A 72 16.35 -5.31 -29.15
C LYS A 72 14.99 -5.17 -29.81
N TYR A 73 14.26 -4.12 -29.45
CA TYR A 73 12.93 -3.87 -29.99
C TYR A 73 12.98 -2.96 -31.21
N PRO A 74 11.92 -2.98 -32.03
CA PRO A 74 11.84 -2.17 -33.26
C PRO A 74 12.11 -0.70 -32.99
N GLU A 75 12.98 -0.09 -33.80
CA GLU A 75 13.35 1.31 -33.62
C GLU A 75 13.79 1.96 -34.93
N ASP A 76 13.32 1.44 -36.06
CA ASP A 76 13.65 2.00 -37.36
C ASP A 76 12.92 3.34 -37.54
N ASP A 77 11.69 3.27 -38.05
CA ASP A 77 10.86 4.45 -38.19
C ASP A 77 10.48 4.96 -36.80
N ILE A 78 10.31 6.28 -36.67
CA ILE A 78 9.95 6.86 -35.39
C ILE A 78 8.63 6.28 -34.90
N THR A 79 7.83 5.76 -35.82
CA THR A 79 6.58 5.10 -35.47
C THR A 79 6.87 3.81 -34.70
N GLN A 80 7.87 3.06 -35.17
CA GLN A 80 8.29 1.85 -34.47
C GLN A 80 8.75 2.16 -33.05
N LYS A 81 9.45 3.29 -32.90
CA LYS A 81 9.90 3.72 -31.58
C LYS A 81 8.71 3.96 -30.66
N GLN A 82 7.69 4.63 -31.18
CA GLN A 82 6.48 4.92 -30.42
C GLN A 82 5.74 3.64 -30.04
N GLN A 83 5.59 2.74 -31.02
CA GLN A 83 4.91 1.48 -30.78
C GLN A 83 5.67 0.62 -29.75
N THR A 84 6.99 0.65 -29.82
CA THR A 84 7.82 -0.06 -28.85
C THR A 84 7.59 0.48 -27.45
N GLY A 85 7.65 1.79 -27.30
CA GLY A 85 7.42 2.43 -26.02
C GLY A 85 6.07 2.04 -25.43
N LEU A 86 5.04 2.09 -26.27
CA LEU A 86 3.70 1.71 -25.85
C LEU A 86 3.65 0.27 -25.39
N TYR A 87 4.31 -0.61 -26.14
CA TYR A 87 4.37 -2.02 -25.77
C TYR A 87 5.03 -2.21 -24.41
N LEU A 88 6.14 -1.52 -24.20
CA LEU A 88 6.89 -1.63 -22.95
C LEU A 88 6.11 -1.04 -21.78
N GLU A 89 5.32 -0.01 -22.04
CA GLU A 89 4.47 0.58 -21.01
C GLU A 89 3.42 -0.42 -20.53
N TYR A 90 2.85 -1.18 -21.46
CA TYR A 90 1.92 -2.23 -21.11
C TYR A 90 2.62 -3.30 -20.29
N VAL A 91 3.77 -3.76 -20.77
CA VAL A 91 4.57 -4.74 -20.04
C VAL A 91 4.83 -4.27 -18.62
N SER A 92 5.26 -3.01 -18.49
CA SER A 92 5.56 -2.44 -17.19
C SER A 92 4.35 -2.50 -16.25
N GLN A 93 3.22 -2.01 -16.72
CA GLN A 93 2.00 -2.01 -15.90
C GLN A 93 1.58 -3.44 -15.57
N PHE A 94 1.72 -4.34 -16.53
CA PHE A 94 1.41 -5.75 -16.32
C PHE A 94 2.25 -6.30 -15.17
N LEU A 95 3.55 -5.99 -15.19
CA LEU A 95 4.46 -6.45 -14.16
C LEU A 95 4.14 -5.81 -12.80
N SER A 96 3.72 -4.55 -12.83
CA SER A 96 3.38 -3.84 -11.61
C SER A 96 2.18 -4.46 -10.92
N ASN A 97 1.28 -5.05 -11.72
CA ASN A 97 0.07 -5.64 -11.20
C ASN A 97 0.13 -7.17 -11.17
N LEU A 98 1.26 -7.72 -11.61
CA LEU A 98 1.42 -9.16 -11.78
C LEU A 98 0.18 -9.77 -12.46
N GLY A 99 -0.23 -9.16 -13.57
CA GLY A 99 -1.40 -9.61 -14.31
C GLY A 99 -2.00 -8.48 -15.13
N ASN A 100 -2.97 -8.80 -15.98
CA ASN A 100 -3.57 -7.79 -16.86
C ASN A 100 -4.92 -7.24 -16.39
N PHE A 101 -5.25 -7.50 -15.13
CA PHE A 101 -6.37 -6.83 -14.47
C PHE A 101 -5.80 -6.01 -13.31
N LYS A 102 -5.93 -4.69 -13.38
CA LYS A 102 -5.32 -3.82 -12.38
C LYS A 102 -5.84 -4.08 -10.98
N SER A 103 -4.93 -4.10 -10.00
CA SER A 103 -5.29 -4.32 -8.61
C SER A 103 -6.13 -3.16 -8.09
N PHE A 104 -5.94 -1.99 -8.68
CA PHE A 104 -6.72 -0.82 -8.30
C PHE A 104 -7.90 -0.64 -9.25
N GLY A 105 -8.97 -1.40 -9.02
CA GLY A 105 -10.16 -1.31 -9.85
C GLY A 105 -10.65 -2.65 -10.36
N ASP A 106 -9.76 -3.65 -10.36
CA ASP A 106 -10.11 -4.98 -10.83
C ASP A 106 -10.66 -4.97 -12.26
N THR A 107 -10.07 -4.13 -13.11
CA THR A 107 -10.51 -4.03 -14.50
C THR A 107 -9.37 -4.37 -15.45
N LYS A 108 -9.70 -5.10 -16.53
CA LYS A 108 -8.72 -5.48 -17.53
C LYS A 108 -8.16 -4.25 -18.25
N PHE A 109 -6.86 -4.25 -18.51
CA PHE A 109 -6.25 -3.20 -19.32
C PHE A 109 -5.46 -3.81 -20.48
N ILE A 110 -5.44 -3.09 -21.60
CA ILE A 110 -4.81 -3.61 -22.82
C ILE A 110 -3.75 -2.64 -23.34
N PRO A 111 -2.86 -3.15 -24.22
CA PRO A 111 -1.78 -2.30 -24.76
C PRO A 111 -2.32 -1.20 -25.67
N ARG A 112 -1.60 -0.10 -25.76
CA ARG A 112 -2.00 0.99 -26.65
C ARG A 112 -1.39 0.78 -28.04
N CYS A 113 -0.29 0.06 -28.09
CA CYS A 113 0.33 -0.28 -29.37
C CYS A 113 -0.65 -1.11 -30.19
N GLU A 114 -0.57 -0.96 -31.52
CA GLU A 114 -1.46 -1.70 -32.41
C GLU A 114 -1.29 -3.20 -32.21
N VAL A 115 -2.39 -3.94 -32.34
CA VAL A 115 -2.33 -5.40 -32.30
C VAL A 115 -1.46 -5.91 -33.45
N LYS A 116 -1.56 -5.24 -34.59
CA LYS A 116 -0.74 -5.58 -35.75
C LYS A 116 0.73 -5.53 -35.39
N PHE A 117 1.11 -4.49 -34.64
CA PHE A 117 2.49 -4.35 -34.18
C PHE A 117 2.86 -5.46 -33.21
N PHE A 118 1.94 -5.78 -32.30
CA PHE A 118 2.20 -6.83 -31.32
C PHE A 118 2.51 -8.13 -32.04
N LYS A 119 1.72 -8.45 -33.07
CA LYS A 119 1.92 -9.67 -33.83
C LYS A 119 3.17 -9.59 -34.71
N GLN A 120 3.64 -8.38 -34.97
CA GLN A 120 4.87 -8.20 -35.71
C GLN A 120 6.08 -8.53 -34.84
N LEU A 121 5.91 -8.35 -33.53
CA LEU A 121 6.96 -8.72 -32.59
C LEU A 121 7.22 -10.22 -32.68
N LEU A 122 6.17 -10.99 -32.89
CA LEU A 122 6.29 -12.43 -33.08
C LEU A 122 7.10 -12.74 -34.33
N GLU A 123 6.78 -12.04 -35.41
CA GLU A 123 7.48 -12.21 -36.67
C GLU A 123 8.97 -12.00 -36.49
N LEU A 124 9.33 -10.89 -35.86
CA LEU A 124 10.73 -10.55 -35.62
C LEU A 124 11.41 -11.56 -34.70
N ALA A 125 10.70 -12.02 -33.67
CA ALA A 125 11.23 -12.98 -32.73
C ALA A 125 11.10 -14.40 -33.27
N LYS A 126 10.58 -14.52 -34.48
CA LYS A 126 10.34 -15.83 -35.09
C LYS A 126 9.61 -16.77 -34.15
N ILE A 127 8.48 -16.29 -33.62
CA ILE A 127 7.60 -17.12 -32.79
C ILE A 127 6.36 -17.48 -33.59
N ASN A 128 6.20 -18.76 -33.87
CA ASN A 128 5.03 -19.24 -34.62
C ASN A 128 3.74 -18.94 -33.85
N PRO A 129 2.93 -18.02 -34.38
CA PRO A 129 1.69 -17.59 -33.71
C PRO A 129 0.69 -18.75 -33.59
N SER A 130 0.86 -19.80 -34.39
CA SER A 130 -0.06 -20.92 -34.36
C SER A 130 0.33 -21.96 -33.33
N SER A 131 1.52 -21.83 -32.77
CA SER A 131 1.98 -22.75 -31.74
C SER A 131 1.24 -22.50 -30.43
N SER A 132 1.31 -23.47 -29.53
CA SER A 132 0.58 -23.37 -28.26
C SER A 132 1.37 -22.59 -27.21
N PRO A 133 0.68 -21.71 -26.47
CA PRO A 133 1.29 -20.95 -25.38
C PRO A 133 1.98 -21.89 -24.39
N LEU A 134 1.49 -23.12 -24.30
CA LEU A 134 2.08 -24.14 -23.44
C LEU A 134 3.58 -24.29 -23.71
N THR A 135 4.00 -23.99 -24.93
CA THR A 135 5.40 -24.15 -25.32
C THR A 135 6.29 -23.04 -24.78
N LEU A 136 5.68 -22.01 -24.20
CA LEU A 136 6.42 -20.85 -23.70
C LEU A 136 6.73 -20.97 -22.21
N SER A 137 6.08 -21.90 -21.53
CA SER A 137 6.25 -22.08 -20.10
C SER A 137 7.55 -22.79 -19.75
N PRO A 138 8.11 -22.51 -18.57
CA PRO A 138 9.23 -23.32 -18.08
C PRO A 138 8.80 -24.79 -18.05
N VAL A 139 9.69 -25.70 -18.41
CA VAL A 139 9.29 -27.10 -18.59
C VAL A 139 8.86 -27.78 -17.29
N ASP A 140 9.22 -27.20 -16.14
CA ASP A 140 8.88 -27.82 -14.87
C ASP A 140 7.65 -27.21 -14.18
N VAL A 141 6.93 -26.35 -14.90
CA VAL A 141 5.65 -25.86 -14.43
C VAL A 141 4.59 -26.93 -14.71
N ASN A 142 3.83 -27.31 -13.69
CA ASN A 142 2.80 -28.34 -13.87
C ASN A 142 1.57 -27.77 -14.55
N HIS A 143 1.44 -28.05 -15.84
CA HIS A 143 0.37 -27.48 -16.66
C HIS A 143 -1.01 -27.98 -16.27
N GLU A 144 -1.08 -29.04 -15.48
CA GLU A 144 -2.36 -29.53 -15.00
C GLU A 144 -3.05 -28.49 -14.12
N PHE A 145 -2.28 -27.56 -13.58
CA PHE A 145 -2.83 -26.53 -12.71
C PHE A 145 -2.67 -25.11 -13.29
N THR A 146 -2.39 -25.02 -14.58
CA THR A 146 -2.27 -23.71 -15.22
C THR A 146 -3.37 -23.49 -16.25
N SER A 147 -3.36 -22.32 -16.89
CA SER A 147 -4.45 -21.94 -17.78
C SER A 147 -4.02 -21.77 -19.24
N HIS A 148 -2.79 -22.13 -19.54
CA HIS A 148 -2.27 -22.03 -20.90
C HIS A 148 -3.18 -22.76 -21.90
N HIS A 149 -3.72 -23.89 -21.47
CA HIS A 149 -4.51 -24.74 -22.35
C HIS A 149 -5.78 -24.07 -22.85
N LEU A 150 -6.23 -23.04 -22.14
CA LEU A 150 -7.43 -22.31 -22.53
C LEU A 150 -7.23 -21.51 -23.81
N PHE A 151 -5.98 -21.39 -24.23
CA PHE A 151 -5.63 -20.65 -25.44
C PHE A 151 -4.90 -21.57 -26.41
N SER A 152 -5.61 -22.04 -27.44
CA SER A 152 -5.07 -23.00 -28.39
C SER A 152 -3.76 -22.53 -29.02
N THR A 153 -3.72 -21.26 -29.42
CA THR A 153 -2.55 -20.71 -30.10
C THR A 153 -2.11 -19.40 -29.46
N ILE A 154 -0.87 -19.01 -29.72
CA ILE A 154 -0.35 -17.73 -29.22
C ILE A 154 -1.13 -16.58 -29.83
N ASN A 155 -1.52 -16.74 -31.10
CA ASN A 155 -2.34 -15.75 -31.78
C ASN A 155 -3.65 -15.52 -31.02
N GLU A 156 -4.20 -16.60 -30.49
CA GLU A 156 -5.43 -16.52 -29.71
C GLU A 156 -5.17 -15.84 -28.37
N LEU A 157 -4.01 -16.08 -27.80
CA LEU A 157 -3.62 -15.46 -26.53
C LEU A 157 -3.59 -13.94 -26.68
N ILE A 158 -3.04 -13.48 -27.80
CA ILE A 158 -2.96 -12.05 -28.07
C ILE A 158 -4.33 -11.45 -28.33
N ASP A 159 -5.08 -12.06 -29.25
CA ASP A 159 -6.41 -11.57 -29.60
C ASP A 159 -7.35 -11.55 -28.40
N ILE A 160 -7.56 -12.70 -27.79
CA ILE A 160 -8.53 -12.84 -26.71
C ILE A 160 -7.96 -12.44 -25.35
N GLY A 161 -6.83 -13.05 -24.99
CA GLY A 161 -6.23 -12.81 -23.68
C GLY A 161 -5.75 -11.39 -23.48
N ILE A 162 -5.01 -10.87 -24.45
CA ILE A 162 -4.36 -9.57 -24.30
C ILE A 162 -5.25 -8.40 -24.70
N TYR A 163 -5.88 -8.49 -25.86
CA TYR A 163 -6.59 -7.35 -26.45
C TYR A 163 -8.10 -7.34 -26.26
N HIS A 164 -8.74 -8.49 -26.40
CA HIS A 164 -10.21 -8.55 -26.38
C HIS A 164 -10.79 -7.92 -25.12
N VAL A 165 -11.86 -7.15 -25.30
CA VAL A 165 -12.53 -6.49 -24.18
C VAL A 165 -14.04 -6.62 -24.29
N GLU A 166 -14.67 -7.00 -23.18
CA GLU A 166 -16.12 -7.04 -23.09
C GLU A 166 -16.50 -6.49 -21.72
N GLU A 167 -17.38 -5.50 -21.70
CA GLU A 167 -17.71 -4.76 -20.48
C GLU A 167 -17.76 -5.63 -19.22
N LYS A 168 -18.46 -6.76 -19.32
CA LYS A 168 -18.58 -7.68 -18.18
C LYS A 168 -17.30 -8.48 -17.97
N ALA A 169 -16.77 -9.04 -19.05
CA ALA A 169 -15.58 -9.88 -18.97
C ALA A 169 -14.34 -9.11 -18.51
N ALA A 170 -14.37 -7.80 -18.67
CA ALA A 170 -13.22 -6.96 -18.30
C ALA A 170 -13.27 -6.58 -16.82
N LEU A 171 -14.04 -7.32 -16.06
CA LEU A 171 -14.17 -7.09 -14.62
C LEU A 171 -14.13 -8.41 -13.86
N LEU A 172 -13.43 -8.42 -12.73
CA LEU A 172 -13.40 -9.59 -11.88
C LEU A 172 -14.76 -9.79 -11.24
N GLY A 173 -15.24 -11.04 -11.25
CA GLY A 173 -16.53 -11.37 -10.69
C GLY A 173 -16.91 -12.79 -11.01
N PHE A 174 -18.15 -13.16 -10.70
CA PHE A 174 -18.61 -14.52 -10.98
C PHE A 174 -18.76 -14.77 -12.48
N PRO A 175 -18.02 -15.78 -12.99
CA PRO A 175 -18.08 -16.18 -14.40
C PRO A 175 -19.50 -16.50 -14.85
N SER A 176 -20.33 -16.97 -13.92
CA SER A 176 -21.71 -17.31 -14.23
C SER A 176 -22.51 -16.05 -14.59
N GLN A 177 -22.02 -14.90 -14.12
CA GLN A 177 -22.67 -13.63 -14.41
C GLN A 177 -21.99 -12.90 -15.57
N GLY A 178 -21.08 -13.61 -16.25
CA GLY A 178 -20.41 -13.06 -17.41
C GLY A 178 -19.11 -12.37 -17.08
N TYR A 179 -18.63 -12.53 -15.85
CA TYR A 179 -17.40 -11.88 -15.41
C TYR A 179 -16.20 -12.82 -15.49
N THR A 180 -15.04 -12.31 -15.09
CA THR A 180 -13.81 -13.09 -15.10
C THR A 180 -13.29 -13.34 -13.70
N SER A 181 -12.78 -14.55 -13.48
CA SER A 181 -12.11 -14.88 -12.22
C SER A 181 -11.14 -16.03 -12.42
N ALA A 182 -9.91 -15.85 -11.97
CA ALA A 182 -8.89 -16.86 -12.13
C ALA A 182 -8.87 -17.81 -10.92
N TYR A 183 -9.69 -17.51 -9.93
CA TYR A 183 -9.87 -18.38 -8.78
C TYR A 183 -10.73 -19.58 -9.16
N TYR A 184 -11.47 -19.45 -10.25
CA TYR A 184 -12.38 -20.50 -10.71
C TYR A 184 -11.96 -21.06 -12.06
N LEU A 185 -12.09 -22.37 -12.23
CA LEU A 185 -11.78 -23.01 -13.50
C LEU A 185 -12.89 -23.98 -13.90
N GLY A 186 -12.88 -24.40 -15.16
CA GLY A 186 -13.89 -25.31 -15.68
C GLY A 186 -15.19 -24.60 -15.97
N LEU A 187 -16.30 -25.26 -15.65
CA LEU A 187 -17.63 -24.69 -15.85
C LEU A 187 -17.79 -23.42 -15.01
N PRO A 188 -18.66 -22.50 -15.46
CA PRO A 188 -18.87 -21.22 -14.77
C PRO A 188 -19.31 -21.40 -13.32
N VAL A 189 -18.52 -20.87 -12.40
CA VAL A 189 -18.83 -20.95 -10.98
C VAL A 189 -19.84 -19.88 -10.57
N THR A 190 -20.87 -20.28 -9.84
CA THR A 190 -21.93 -19.37 -9.42
C THR A 190 -21.78 -18.96 -7.97
N PRO A 191 -22.48 -17.89 -7.57
CA PRO A 191 -22.49 -17.48 -6.16
C PRO A 191 -23.10 -18.56 -5.28
N GLU A 192 -24.09 -19.27 -5.80
CA GLU A 192 -24.71 -20.39 -5.08
C GLU A 192 -23.68 -21.47 -4.80
N ASP A 193 -22.86 -21.77 -5.82
CA ASP A 193 -21.78 -22.75 -5.67
C ASP A 193 -20.88 -22.41 -4.49
N MET A 194 -20.36 -21.19 -4.50
CA MET A 194 -19.41 -20.75 -3.48
C MET A 194 -20.07 -20.62 -2.11
N ALA A 195 -21.36 -20.30 -2.10
CA ALA A 195 -22.11 -20.23 -0.85
C ALA A 195 -22.20 -21.61 -0.24
N LEU A 196 -22.49 -22.61 -1.08
CA LEU A 196 -22.61 -23.99 -0.63
C LEU A 196 -21.27 -24.52 -0.13
N LEU A 197 -20.21 -24.29 -0.88
CA LEU A 197 -18.89 -24.77 -0.53
C LEU A 197 -18.39 -24.14 0.78
N LYS A 198 -18.72 -22.88 0.98
CA LYS A 198 -18.30 -22.18 2.18
C LYS A 198 -18.87 -22.83 3.43
N GLU A 199 -20.16 -23.13 3.40
CA GLU A 199 -20.86 -23.67 4.57
C GLU A 199 -20.77 -25.20 4.66
N GLN A 200 -21.12 -25.89 3.58
CA GLN A 200 -21.24 -27.34 3.60
C GLN A 200 -19.93 -28.09 3.38
N LEU A 201 -18.89 -27.38 3.00
CA LEU A 201 -17.58 -28.01 2.85
C LEU A 201 -16.56 -27.45 3.84
N PHE A 202 -16.11 -26.22 3.58
CA PHE A 202 -15.06 -25.62 4.39
C PHE A 202 -15.46 -25.48 5.85
N ALA A 203 -16.57 -24.82 6.11
CA ALA A 203 -17.07 -24.68 7.47
C ALA A 203 -17.36 -26.06 8.07
N GLU A 204 -18.05 -26.89 7.30
CA GLU A 204 -18.43 -28.22 7.76
C GLU A 204 -17.23 -29.02 8.23
N LEU A 205 -16.13 -28.93 7.50
CA LEU A 205 -14.93 -29.72 7.78
C LEU A 205 -13.86 -28.90 8.49
N ALA A 206 -14.19 -27.67 8.87
CA ALA A 206 -13.23 -26.79 9.53
C ALA A 206 -11.94 -26.64 8.72
N ILE A 207 -12.10 -26.35 7.43
CA ILE A 207 -10.95 -26.16 6.54
C ILE A 207 -10.90 -24.73 6.04
N LEU A 208 -9.81 -24.03 6.32
CA LEU A 208 -9.66 -22.65 5.85
C LEU A 208 -9.41 -22.66 4.35
N PRO A 209 -10.15 -21.84 3.60
CA PRO A 209 -10.23 -21.88 2.14
C PRO A 209 -9.22 -20.98 1.41
N GLU A 210 -8.47 -20.17 2.16
CA GLU A 210 -7.67 -19.11 1.55
C GLU A 210 -6.67 -19.58 0.47
N ASN A 211 -6.11 -20.77 0.65
CA ASN A 211 -5.08 -21.26 -0.25
C ASN A 211 -5.58 -22.22 -1.33
N THR A 212 -6.81 -22.04 -1.76
CA THR A 212 -7.40 -22.97 -2.73
C THR A 212 -7.87 -22.27 -4.00
N ARG A 213 -8.14 -23.08 -5.02
CA ARG A 213 -8.87 -22.61 -6.19
C ARG A 213 -9.94 -23.64 -6.52
N ILE A 214 -10.97 -23.22 -7.23
CA ILE A 214 -12.13 -24.08 -7.46
C ILE A 214 -12.25 -24.49 -8.92
N ASN A 215 -12.14 -25.79 -9.19
CA ASN A 215 -12.35 -26.31 -10.53
C ASN A 215 -13.67 -27.06 -10.63
N LYS A 216 -14.63 -26.45 -11.32
CA LYS A 216 -15.96 -27.05 -11.47
C LYS A 216 -15.95 -28.06 -12.62
N VAL A 217 -15.85 -29.34 -12.27
CA VAL A 217 -15.76 -30.40 -13.26
C VAL A 217 -17.13 -30.92 -13.65
N GLY A 218 -18.16 -30.43 -12.98
CA GLY A 218 -19.52 -30.84 -13.25
C GLY A 218 -20.53 -29.92 -12.59
N GLU A 219 -21.80 -30.10 -12.95
CA GLU A 219 -22.87 -29.28 -12.39
C GLU A 219 -22.91 -29.40 -10.87
N ASN A 220 -22.62 -30.59 -10.37
CA ASN A 220 -22.59 -30.85 -8.93
C ASN A 220 -21.31 -31.53 -8.49
N SER A 221 -20.21 -31.27 -9.20
CA SER A 221 -18.92 -31.86 -8.88
C SER A 221 -17.82 -30.82 -8.92
N PHE A 222 -17.10 -30.69 -7.81
CA PHE A 222 -16.05 -29.68 -7.68
C PHE A 222 -14.72 -30.29 -7.28
N GLN A 223 -13.64 -29.70 -7.76
CA GLN A 223 -12.30 -30.03 -7.30
C GLN A 223 -11.74 -28.84 -6.55
N ILE A 224 -11.23 -29.07 -5.34
CA ILE A 224 -10.59 -28.02 -4.58
C ILE A 224 -9.08 -28.16 -4.73
N TRP A 225 -8.50 -27.30 -5.56
CA TRP A 225 -7.06 -27.29 -5.77
C TRP A 225 -6.38 -26.63 -4.59
N VAL A 226 -5.51 -27.38 -3.91
CA VAL A 226 -4.77 -26.85 -2.76
C VAL A 226 -3.35 -26.47 -3.16
N ALA A 227 -2.96 -25.24 -2.84
CA ALA A 227 -1.60 -24.80 -3.13
C ALA A 227 -0.62 -25.54 -2.24
N SER A 228 0.27 -26.31 -2.86
CA SER A 228 1.23 -27.11 -2.10
C SER A 228 2.31 -27.71 -2.99
N GLU A 229 3.49 -27.93 -2.41
CA GLU A 229 4.55 -28.67 -3.11
C GLU A 229 4.13 -30.13 -3.28
N ASN A 230 3.67 -30.73 -2.19
CA ASN A 230 3.16 -32.10 -2.23
C ASN A 230 2.13 -32.24 -3.34
N VAL A 231 2.21 -33.34 -4.10
CA VAL A 231 1.22 -33.63 -5.12
C VAL A 231 0.18 -34.60 -4.58
N LYS A 232 0.39 -35.05 -3.35
CA LYS A 232 -0.53 -35.97 -2.69
C LYS A 232 -0.99 -35.40 -1.35
N ASN A 233 -2.10 -35.92 -0.85
CA ASN A 233 -2.61 -35.52 0.45
C ASN A 233 -1.83 -36.18 1.58
N GLN A 234 -0.97 -35.41 2.24
CA GLN A 234 -0.17 -35.92 3.34
C GLN A 234 -0.70 -35.41 4.67
N ILE A 235 -1.93 -34.90 4.65
CA ILE A 235 -2.56 -34.38 5.85
C ILE A 235 -4.00 -34.85 5.95
N THR A 236 -4.18 -36.17 5.83
CA THR A 236 -5.50 -36.78 5.79
C THR A 236 -6.25 -36.67 7.11
N GLU A 237 -5.54 -36.30 8.17
CA GLU A 237 -6.16 -36.13 9.47
C GLU A 237 -7.14 -34.96 9.43
N THR A 238 -6.89 -34.03 8.52
CA THR A 238 -7.73 -32.84 8.38
C THR A 238 -8.44 -32.78 7.03
N TYR A 239 -7.74 -33.21 5.98
CA TYR A 239 -8.28 -33.17 4.62
C TYR A 239 -8.74 -34.55 4.16
N PRO A 240 -9.98 -34.65 3.70
CA PRO A 240 -10.55 -35.92 3.22
C PRO A 240 -9.74 -36.44 2.03
N SER A 241 -9.66 -37.76 1.90
CA SER A 241 -8.93 -38.39 0.80
C SER A 241 -9.89 -38.75 -0.32
N GLY A 242 -9.61 -38.23 -1.52
CA GLY A 242 -10.42 -38.54 -2.68
C GLY A 242 -11.79 -37.90 -2.65
N GLN A 243 -12.70 -38.40 -3.48
CA GLN A 243 -13.99 -37.79 -3.65
C GLN A 243 -14.93 -38.05 -2.46
N ILE A 244 -15.61 -36.99 -2.04
CA ILE A 244 -16.60 -37.10 -0.96
C ILE A 244 -17.90 -36.46 -1.40
N THR A 245 -18.99 -36.81 -0.73
CA THR A 245 -20.29 -36.24 -1.01
C THR A 245 -20.74 -35.38 0.16
N LEU A 246 -21.23 -34.18 -0.14
CA LEU A 246 -21.69 -33.27 0.90
C LEU A 246 -22.98 -33.78 1.55
N SER A 247 -23.53 -33.01 2.48
CA SER A 247 -24.71 -33.44 3.22
C SER A 247 -25.95 -33.61 2.34
N ASN A 248 -26.03 -32.81 1.29
CA ASN A 248 -27.17 -32.87 0.37
C ASN A 248 -27.19 -34.15 -0.46
N ALA A 249 -26.18 -34.99 -0.26
CA ALA A 249 -26.09 -36.27 -0.96
C ALA A 249 -26.05 -36.12 -2.47
N VAL A 250 -25.67 -34.93 -2.94
CA VAL A 250 -25.59 -34.66 -4.37
C VAL A 250 -24.24 -34.08 -4.76
N THR A 251 -23.88 -32.97 -4.13
CA THR A 251 -22.62 -32.30 -4.44
C THR A 251 -21.42 -33.16 -4.11
N LYS A 252 -20.54 -33.35 -5.10
CA LYS A 252 -19.32 -34.12 -4.92
C LYS A 252 -18.11 -33.19 -4.90
N VAL A 253 -17.22 -33.41 -3.93
CA VAL A 253 -16.04 -32.58 -3.80
C VAL A 253 -14.80 -33.42 -3.58
N GLU A 254 -13.71 -33.02 -4.23
CA GLU A 254 -12.44 -33.71 -4.08
C GLU A 254 -11.31 -32.70 -3.92
N PHE A 255 -10.51 -32.88 -2.86
CA PHE A 255 -9.35 -32.04 -2.66
C PHE A 255 -8.18 -32.55 -3.49
N ILE A 256 -7.66 -31.70 -4.36
CA ILE A 256 -6.49 -32.06 -5.18
C ILE A 256 -5.29 -31.20 -4.79
N PHE A 257 -4.22 -31.85 -4.36
CA PHE A 257 -3.03 -31.15 -3.90
C PHE A 257 -2.04 -30.94 -5.05
N GLY A 258 -1.17 -29.94 -4.90
CA GLY A 258 -0.11 -29.72 -5.86
C GLY A 258 -0.31 -28.53 -6.79
N ASP A 259 -1.27 -27.67 -6.45
CA ASP A 259 -1.45 -26.44 -7.21
C ASP A 259 -0.23 -25.55 -6.98
N HIS A 260 0.27 -24.91 -8.04
CA HIS A 260 1.49 -24.10 -7.96
C HIS A 260 2.66 -24.86 -7.36
N SER A 261 2.69 -26.19 -7.54
CA SER A 261 3.69 -27.01 -6.86
C SER A 261 5.12 -26.52 -7.07
N ARG A 262 5.42 -26.08 -8.28
CA ARG A 262 6.77 -25.63 -8.62
C ARG A 262 7.19 -24.44 -7.77
N GLU A 263 6.28 -23.47 -7.67
CA GLU A 263 6.53 -22.24 -6.93
C GLU A 263 6.51 -22.48 -5.43
N MET A 264 5.59 -23.33 -4.97
CA MET A 264 5.50 -23.67 -3.56
C MET A 264 6.81 -24.29 -3.08
N ARG A 265 7.36 -25.18 -3.90
CA ARG A 265 8.64 -25.81 -3.60
C ARG A 265 9.74 -24.77 -3.47
N LEU A 266 9.76 -23.82 -4.40
CA LEU A 266 10.76 -22.75 -4.39
C LEU A 266 10.59 -21.86 -3.16
N VAL A 267 9.35 -21.47 -2.88
CA VAL A 267 9.06 -20.64 -1.71
C VAL A 267 9.55 -21.32 -0.44
N ALA A 268 9.21 -22.60 -0.29
CA ALA A 268 9.58 -23.36 0.89
C ALA A 268 11.09 -23.52 1.04
N SER A 269 11.77 -23.71 -0.09
CA SER A 269 13.22 -23.89 -0.05
C SER A 269 13.91 -22.61 0.43
N TYR A 270 13.39 -21.46 0.01
CA TYR A 270 13.98 -20.18 0.41
C TYR A 270 13.65 -19.83 1.86
N LEU A 271 12.45 -20.15 2.30
CA LEU A 271 12.07 -19.94 3.69
C LEU A 271 13.02 -20.73 4.58
N LYS A 272 13.36 -21.94 4.14
CA LYS A 272 14.26 -22.81 4.89
C LYS A 272 15.65 -22.16 5.04
N GLU A 273 16.09 -21.47 3.99
CA GLU A 273 17.37 -20.78 4.01
C GLU A 273 17.35 -19.60 4.98
N ALA A 274 16.27 -18.83 4.94
CA ALA A 274 16.13 -17.68 5.81
C ALA A 274 16.07 -18.10 7.27
N GLN A 275 15.57 -19.31 7.51
CA GLN A 275 15.42 -19.83 8.86
C GLN A 275 16.77 -19.88 9.59
N LYS A 276 17.84 -20.10 8.83
CA LYS A 276 19.19 -20.16 9.38
C LYS A 276 19.62 -18.83 9.97
N PHE A 277 18.94 -17.76 9.56
CA PHE A 277 19.37 -16.41 9.91
C PHE A 277 18.32 -15.63 10.70
N ALA A 278 17.30 -16.33 11.20
CA ALA A 278 16.26 -15.69 11.99
C ALA A 278 16.83 -15.00 13.22
N ALA A 279 16.16 -13.94 13.67
CA ALA A 279 16.67 -13.13 14.77
C ALA A 279 16.36 -13.73 16.15
N ASN A 280 15.41 -14.66 16.19
CA ASN A 280 15.01 -15.28 17.45
C ASN A 280 14.19 -16.54 17.21
N ASP A 281 13.99 -17.33 18.27
CA ASP A 281 13.32 -18.62 18.15
C ASP A 281 11.89 -18.50 17.60
N THR A 282 11.22 -17.39 17.89
CA THR A 282 9.86 -17.19 17.42
C THR A 282 9.83 -17.05 15.90
N GLN A 283 10.80 -16.34 15.35
CA GLN A 283 10.90 -16.20 13.90
C GLN A 283 11.20 -17.54 13.25
N LYS A 284 12.02 -18.35 13.91
CA LYS A 284 12.37 -19.68 13.39
C LYS A 284 11.16 -20.60 13.37
N ALA A 285 10.42 -20.63 14.48
CA ALA A 285 9.21 -21.45 14.56
C ALA A 285 8.18 -20.97 13.54
N MET A 286 8.04 -19.64 13.43
CA MET A 286 7.13 -19.04 12.46
C MET A 286 7.43 -19.54 11.05
N LEU A 287 8.70 -19.51 10.68
CA LEU A 287 9.11 -19.97 9.35
C LEU A 287 8.78 -21.44 9.14
N GLN A 288 8.96 -22.26 10.17
CA GLN A 288 8.67 -23.68 10.05
C GLN A 288 7.20 -23.93 9.70
N GLU A 289 6.30 -23.16 10.33
CA GLU A 289 4.88 -23.29 10.04
C GLU A 289 4.55 -22.83 8.62
N TYR A 290 5.16 -21.73 8.19
CA TYR A 290 5.03 -21.28 6.80
C TYR A 290 5.46 -22.41 5.86
N ILE A 291 6.61 -23.02 6.17
CA ILE A 291 7.13 -24.11 5.38
C ILE A 291 6.15 -25.28 5.33
N ASN A 292 5.61 -25.66 6.49
CA ASN A 292 4.61 -26.71 6.54
C ASN A 292 3.41 -26.35 5.69
N HIS A 293 3.07 -25.07 5.68
CA HIS A 293 1.91 -24.55 4.97
C HIS A 293 2.05 -24.69 3.44
N PHE A 294 3.20 -24.28 2.91
CA PHE A 294 3.40 -24.29 1.46
C PHE A 294 3.78 -25.68 0.94
N VAL A 295 4.38 -26.49 1.81
CA VAL A 295 4.75 -27.85 1.42
C VAL A 295 3.55 -28.80 1.44
N THR A 296 2.81 -28.82 2.54
CA THR A 296 1.71 -29.77 2.69
C THR A 296 0.38 -29.26 2.15
N GLY A 297 0.18 -27.95 2.22
CA GLY A 297 -1.08 -27.35 1.81
C GLY A 297 -2.02 -27.14 2.99
N SER A 298 -1.54 -27.45 4.18
CA SER A 298 -2.32 -27.22 5.38
C SER A 298 -2.54 -25.72 5.63
N SER A 299 -3.77 -25.28 5.50
CA SER A 299 -4.10 -23.87 5.73
C SER A 299 -3.99 -23.51 7.21
N GLN A 300 -4.26 -24.48 8.08
CA GLN A 300 -4.15 -24.27 9.52
C GLN A 300 -2.72 -23.90 9.89
N ALA A 301 -1.75 -24.49 9.20
CA ALA A 301 -0.34 -24.20 9.44
C ALA A 301 -0.05 -22.72 9.25
N HIS A 302 -0.72 -22.10 8.28
CA HIS A 302 -0.52 -20.68 8.05
C HIS A 302 -1.05 -19.87 9.22
N LYS A 303 -2.20 -20.26 9.75
CA LYS A 303 -2.75 -19.59 10.92
C LYS A 303 -1.79 -19.72 12.09
N GLU A 304 -1.18 -20.90 12.23
CA GLU A 304 -0.20 -21.14 13.29
C GLU A 304 1.01 -20.23 13.13
N ALA A 305 1.40 -19.99 11.88
CA ALA A 305 2.49 -19.06 11.59
C ALA A 305 2.13 -17.65 12.06
N GLN A 306 0.89 -17.25 11.79
CA GLN A 306 0.42 -15.92 12.14
C GLN A 306 0.37 -15.69 13.65
N LYS A 307 -0.03 -16.72 14.39
CA LYS A 307 -0.09 -16.63 15.85
C LYS A 307 1.30 -16.36 16.42
N LEU A 308 2.31 -17.05 15.89
CA LEU A 308 3.68 -16.83 16.29
C LEU A 308 4.16 -15.45 15.84
N TRP A 309 3.80 -15.09 14.62
CA TRP A 309 4.21 -13.83 14.01
C TRP A 309 3.81 -12.63 14.88
N VAL A 310 2.57 -12.64 15.36
CA VAL A 310 2.07 -11.54 16.18
C VAL A 310 2.91 -11.39 17.45
N LYS A 311 3.52 -12.49 17.88
CA LYS A 311 4.32 -12.48 19.10
C LYS A 311 5.74 -11.96 18.88
N ASP A 312 6.11 -11.79 17.60
CA ASP A 312 7.42 -11.25 17.27
C ASP A 312 7.40 -9.73 17.27
N ILE A 313 7.86 -9.14 18.37
CA ILE A 313 7.74 -7.69 18.56
C ILE A 313 8.77 -6.89 17.78
N SER A 314 8.31 -5.83 17.14
CA SER A 314 9.16 -4.86 16.44
C SER A 314 10.46 -5.46 15.90
N PRO A 315 10.35 -6.40 14.95
CA PRO A 315 11.57 -6.99 14.36
C PRO A 315 12.26 -5.99 13.43
N VAL A 316 13.53 -6.21 13.16
CA VAL A 316 14.28 -5.35 12.24
C VAL A 316 13.86 -5.65 10.80
N ILE A 317 13.66 -6.93 10.51
CA ILE A 317 13.14 -7.36 9.22
C ILE A 317 11.75 -7.95 9.40
N GLU A 318 10.74 -7.17 9.05
CA GLU A 318 9.37 -7.62 9.19
C GLU A 318 8.90 -8.31 7.90
N THR A 319 8.22 -9.44 8.06
CA THR A 319 7.77 -10.22 6.92
C THR A 319 6.36 -10.76 7.12
N ASN A 320 5.70 -11.06 6.00
CA ASN A 320 4.44 -11.78 6.03
C ASN A 320 4.20 -12.36 4.66
N ILE A 321 3.79 -13.63 4.60
CA ILE A 321 3.66 -14.31 3.32
C ILE A 321 2.46 -15.25 3.31
N GLY A 322 1.84 -15.39 2.14
CA GLY A 322 0.75 -16.33 1.99
C GLY A 322 -0.44 -15.77 1.24
N PHE A 323 -1.56 -16.48 1.31
CA PHE A 323 -2.79 -16.08 0.66
C PHE A 323 -3.60 -15.25 1.64
N ILE A 324 -3.30 -13.94 1.66
CA ILE A 324 -3.70 -13.08 2.77
C ILE A 324 -5.06 -12.40 2.60
N GLU A 325 -5.18 -11.53 1.60
CA GLU A 325 -6.40 -10.75 1.40
C GLU A 325 -7.38 -11.52 0.53
N THR A 326 -8.66 -11.44 0.87
CA THR A 326 -9.68 -12.25 0.19
C THR A 326 -10.79 -11.42 -0.44
N TYR A 327 -10.43 -10.31 -1.09
CA TYR A 327 -11.46 -9.45 -1.68
C TYR A 327 -11.53 -9.53 -3.22
N ARG A 328 -10.49 -10.03 -3.86
CA ARG A 328 -10.49 -10.15 -5.31
C ARG A 328 -11.28 -11.36 -5.80
N GLU A 329 -11.29 -12.42 -4.99
CA GLU A 329 -12.13 -13.58 -5.28
C GLU A 329 -13.58 -13.21 -5.02
N PRO A 330 -14.48 -13.48 -5.98
CA PRO A 330 -15.88 -13.06 -5.93
C PRO A 330 -16.60 -13.33 -4.61
N SER A 331 -16.59 -14.57 -4.12
CA SER A 331 -17.29 -14.90 -2.89
C SER A 331 -16.57 -14.34 -1.65
N GLY A 332 -15.31 -13.99 -1.83
CA GLY A 332 -14.56 -13.30 -0.78
C GLY A 332 -14.04 -14.17 0.35
N ILE A 333 -13.67 -15.42 0.03
CA ILE A 333 -13.14 -16.32 1.06
C ILE A 333 -11.76 -16.87 0.68
N ILE A 334 -11.42 -16.79 -0.60
CA ILE A 334 -10.13 -17.26 -1.07
C ILE A 334 -9.14 -16.10 -1.16
N GLY A 335 -7.90 -16.33 -0.74
CA GLY A 335 -6.92 -15.27 -0.66
C GLY A 335 -5.96 -15.20 -1.83
N GLU A 336 -5.53 -13.99 -2.17
CA GLU A 336 -4.53 -13.79 -3.21
C GLU A 336 -3.15 -13.83 -2.57
N PHE A 337 -2.22 -14.53 -3.22
CA PHE A 337 -0.86 -14.62 -2.71
C PHE A 337 -0.20 -13.25 -2.59
N GLU A 338 0.57 -13.06 -1.53
CA GLU A 338 1.38 -11.85 -1.39
C GLU A 338 2.50 -12.15 -0.41
N SER A 339 3.58 -11.40 -0.51
CA SER A 339 4.70 -11.57 0.40
C SER A 339 5.42 -10.25 0.61
N LEU A 340 5.65 -9.91 1.87
CA LEU A 340 6.27 -8.65 2.24
C LEU A 340 7.60 -8.87 2.95
N VAL A 341 8.60 -8.08 2.57
CA VAL A 341 9.84 -8.00 3.31
C VAL A 341 10.15 -6.52 3.52
N ALA A 342 9.96 -6.04 4.74
CA ALA A 342 10.19 -4.63 5.06
C ALA A 342 11.21 -4.51 6.18
N ILE A 343 12.08 -3.52 6.07
CA ILE A 343 13.16 -3.36 7.04
C ILE A 343 13.05 -2.04 7.79
N GLN A 344 13.53 -2.04 9.04
CA GLN A 344 13.57 -0.84 9.84
C GLN A 344 14.60 0.14 9.30
N ASN A 345 14.28 1.43 9.37
CA ASN A 345 15.29 2.46 9.26
C ASN A 345 15.87 2.62 10.66
N LYS A 346 16.95 1.88 10.93
CA LYS A 346 17.47 1.77 12.28
C LYS A 346 17.86 3.12 12.87
N GLU A 347 18.36 4.01 12.03
CA GLU A 347 18.70 5.36 12.47
C GLU A 347 17.44 6.13 12.84
N ARG A 348 16.37 5.91 12.07
CA ARG A 348 15.09 6.57 12.33
C ARG A 348 14.44 6.03 13.61
N THR A 349 14.58 4.73 13.83
CA THR A 349 14.07 4.11 15.04
C THR A 349 14.75 4.72 16.27
N ALA A 350 16.04 4.96 16.17
CA ALA A 350 16.80 5.57 17.25
C ALA A 350 16.34 7.00 17.49
N LYS A 351 16.18 7.76 16.41
CA LYS A 351 15.72 9.14 16.52
C LYS A 351 14.33 9.19 17.15
N PHE A 352 13.49 8.23 16.79
CA PHE A 352 12.15 8.17 17.35
C PHE A 352 12.21 7.90 18.85
N SER A 353 13.10 7.00 19.25
CA SER A 353 13.32 6.70 20.65
C SER A 353 13.74 7.96 21.40
N SER A 354 14.60 8.75 20.77
CA SER A 354 15.06 9.99 21.39
C SER A 354 13.91 10.98 21.55
N LEU A 355 13.00 10.98 20.59
CA LEU A 355 11.83 11.84 20.64
C LEU A 355 10.92 11.43 21.79
N VAL A 356 10.77 10.12 21.98
CA VAL A 356 9.99 9.58 23.09
C VAL A 356 10.61 9.97 24.43
N ASN A 357 11.93 9.80 24.52
CA ASN A 357 12.64 10.14 25.76
C ASN A 357 12.55 11.61 26.13
N ASN A 358 12.22 12.45 25.16
CA ASN A 358 12.07 13.89 25.40
C ASN A 358 10.64 14.38 25.23
N ALA A 359 9.69 13.44 25.18
CA ALA A 359 8.30 13.76 24.88
C ALA A 359 7.70 14.81 25.80
N GLU A 360 7.81 14.59 27.10
CA GLU A 360 7.20 15.47 28.08
C GLU A 360 7.56 16.93 27.83
N GLU A 361 8.80 17.18 27.43
CA GLU A 361 9.27 18.53 27.19
C GLU A 361 8.52 19.21 26.05
N PHE A 362 8.32 18.49 24.96
CA PHE A 362 7.64 19.05 23.79
C PHE A 362 6.15 19.18 24.03
N ILE A 363 5.57 18.22 24.73
CA ILE A 363 4.17 18.27 25.10
C ILE A 363 3.86 19.57 25.82
N SER A 364 4.71 19.93 26.79
CA SER A 364 4.53 21.17 27.55
C SER A 364 4.58 22.41 26.66
N LEU A 365 5.36 22.33 25.59
CA LEU A 365 5.52 23.47 24.69
C LEU A 365 4.28 23.72 23.84
N LEU A 366 3.42 22.72 23.71
CA LEU A 366 2.21 22.85 22.93
C LEU A 366 1.29 23.95 23.49
N PRO A 367 0.56 24.64 22.60
CA PRO A 367 -0.16 25.88 22.92
C PRO A 367 -1.47 25.66 23.67
N TRP A 368 -1.42 25.03 24.84
CA TRP A 368 -2.61 24.91 25.68
C TRP A 368 -2.26 24.63 27.13
N SER A 369 -3.24 24.81 28.01
CA SER A 369 -3.08 24.61 29.44
C SER A 369 -2.89 23.13 29.78
N LYS A 370 -2.21 22.86 30.88
CA LYS A 370 -2.03 21.49 31.34
C LYS A 370 -3.37 20.83 31.66
N ASP A 371 -4.41 21.65 31.77
CA ASP A 371 -5.76 21.16 32.05
C ASP A 371 -6.26 20.26 30.94
N TYR A 372 -5.72 20.46 29.73
CA TYR A 372 -6.12 19.66 28.58
C TYR A 372 -5.04 18.68 28.16
N GLU A 373 -4.23 18.26 29.12
CA GLU A 373 -3.15 17.33 28.83
C GLU A 373 -3.07 16.23 29.88
N LYS A 374 -2.65 15.04 29.47
CA LYS A 374 -2.47 13.94 30.42
C LYS A 374 -1.33 14.26 31.36
N PRO A 375 -1.50 13.91 32.64
CA PRO A 375 -0.45 14.16 33.65
C PRO A 375 0.83 13.43 33.29
N ILE A 376 0.69 12.26 32.67
CA ILE A 376 1.82 11.45 32.25
C ILE A 376 1.66 11.03 30.79
N PHE A 377 2.70 11.19 30.00
CA PHE A 377 2.65 10.88 28.57
C PHE A 377 2.62 9.38 28.30
N ASN A 378 1.62 8.94 27.55
CA ASN A 378 1.53 7.56 27.10
C ASN A 378 1.83 7.51 25.60
N PRO A 379 3.04 7.04 25.23
CA PRO A 379 3.43 6.98 23.83
C PRO A 379 2.56 6.01 23.02
N PRO A 380 1.94 6.50 21.95
CA PRO A 380 1.14 5.63 21.07
C PRO A 380 2.01 4.60 20.38
N ASP A 381 1.41 3.50 19.96
CA ASP A 381 2.13 2.49 19.18
C ASP A 381 2.14 2.88 17.71
N PHE A 382 3.33 2.96 17.13
CA PHE A 382 3.46 3.32 15.73
C PHE A 382 4.69 2.68 15.09
N THR A 383 4.47 2.00 13.98
CA THR A 383 5.55 1.30 13.28
C THR A 383 5.68 1.79 11.84
N SER A 384 6.89 2.22 11.47
CA SER A 384 7.17 2.62 10.10
C SER A 384 8.36 1.82 9.56
N LEU A 385 8.17 1.18 8.41
CA LEU A 385 9.21 0.34 7.83
C LEU A 385 9.45 0.69 6.36
N GLU A 386 10.62 0.30 5.86
CA GLU A 386 10.97 0.52 4.47
C GLU A 386 10.79 -0.77 3.67
N VAL A 387 9.92 -0.72 2.67
CA VAL A 387 9.68 -1.88 1.81
C VAL A 387 10.93 -2.22 1.01
N LEU A 388 11.43 -3.44 1.21
CA LEU A 388 12.52 -3.97 0.40
C LEU A 388 11.94 -4.81 -0.73
N THR A 389 10.95 -5.63 -0.39
CA THR A 389 10.28 -6.48 -1.35
C THR A 389 8.80 -6.54 -1.03
N PHE A 390 7.97 -6.45 -2.06
CA PHE A 390 6.56 -6.76 -1.91
C PHE A 390 6.02 -7.44 -3.15
N THR A 391 5.95 -8.77 -3.10
CA THR A 391 5.40 -9.55 -4.19
C THR A 391 3.88 -9.60 -4.05
N GLY A 392 3.19 -9.06 -5.03
CA GLY A 392 1.74 -9.02 -5.00
C GLY A 392 1.15 -8.16 -6.10
N SER A 393 -0.17 -8.11 -6.16
CA SER A 393 -0.86 -7.39 -7.22
C SER A 393 -0.74 -5.88 -7.04
N GLY A 394 -0.43 -5.45 -5.82
CA GLY A 394 -0.29 -4.03 -5.52
C GLY A 394 0.32 -3.80 -4.16
N ILE A 395 1.20 -2.81 -4.07
CA ILE A 395 1.88 -2.50 -2.82
C ILE A 395 1.10 -1.47 -2.01
N PRO A 396 0.57 -1.88 -0.85
CA PRO A 396 -0.20 -1.02 0.05
C PRO A 396 0.70 -0.01 0.77
N ALA A 397 0.09 1.05 1.30
CA ALA A 397 0.83 2.05 2.06
C ALA A 397 1.02 1.59 3.50
N GLY A 398 0.31 0.52 3.87
CA GLY A 398 0.43 -0.04 5.20
C GLY A 398 -0.17 -1.43 5.24
N ILE A 399 0.01 -2.13 6.36
CA ILE A 399 -0.59 -3.45 6.54
C ILE A 399 -1.23 -3.58 7.90
N ASN A 400 -2.37 -4.25 7.94
CA ASN A 400 -3.07 -4.55 9.18
C ASN A 400 -3.54 -5.99 9.17
N ILE A 401 -2.71 -6.88 9.71
CA ILE A 401 -2.94 -8.32 9.66
C ILE A 401 -2.52 -8.97 10.97
N PRO A 402 -2.87 -10.25 11.18
CA PRO A 402 -3.55 -11.18 10.26
C PRO A 402 -5.01 -10.84 10.04
N ASN A 403 -5.65 -11.57 9.14
CA ASN A 403 -7.08 -11.37 8.86
C ASN A 403 -7.95 -12.38 9.59
N TYR A 404 -7.31 -13.31 10.29
CA TYR A 404 -8.04 -14.28 11.11
C TYR A 404 -8.61 -13.59 12.34
N ASP A 405 -9.93 -13.44 12.39
CA ASP A 405 -10.58 -12.74 13.49
C ASP A 405 -10.27 -13.35 14.86
N ASP A 406 -10.18 -14.68 14.90
CA ASP A 406 -9.90 -15.37 16.15
C ASP A 406 -8.49 -15.06 16.68
N VAL A 407 -7.53 -14.96 15.76
CA VAL A 407 -6.16 -14.63 16.14
C VAL A 407 -6.03 -13.16 16.53
N ARG A 408 -6.70 -12.29 15.79
CA ARG A 408 -6.69 -10.87 16.09
C ARG A 408 -7.21 -10.60 17.50
N LEU A 409 -8.35 -11.21 17.81
CA LEU A 409 -9.01 -11.03 19.10
C LEU A 409 -8.21 -11.64 20.26
N LYS A 410 -7.76 -12.88 20.06
CA LYS A 410 -7.13 -13.63 21.14
C LYS A 410 -5.64 -13.31 21.32
N ILE A 411 -4.94 -13.13 20.22
CA ILE A 411 -3.49 -12.92 20.26
C ILE A 411 -3.08 -11.49 19.90
N GLY A 412 -3.84 -10.87 19.01
CA GLY A 412 -3.55 -9.51 18.60
C GLY A 412 -3.28 -9.41 17.10
N PHE A 413 -2.96 -8.20 16.65
CA PHE A 413 -2.68 -7.95 15.24
C PHE A 413 -1.57 -6.92 15.08
N LYS A 414 -0.99 -6.85 13.90
CA LYS A 414 0.06 -5.89 13.62
C LYS A 414 -0.41 -4.80 12.67
N ASN A 415 -0.15 -3.55 13.03
CA ASN A 415 -0.45 -2.41 12.17
C ASN A 415 0.84 -1.68 11.81
N VAL A 416 1.27 -1.83 10.56
CA VAL A 416 2.55 -1.29 10.13
C VAL A 416 2.41 -0.34 8.95
N SER A 417 3.04 0.81 9.06
CA SER A 417 3.06 1.80 7.98
C SER A 417 4.28 1.58 7.09
N LEU A 418 4.06 1.62 5.79
CA LEU A 418 5.14 1.41 4.84
C LEU A 418 5.69 2.74 4.33
N GLY A 419 6.76 3.20 4.99
CA GLY A 419 7.32 4.51 4.77
C GLY A 419 7.59 4.90 3.33
N ASN A 420 8.46 4.14 2.66
CA ASN A 420 8.86 4.48 1.29
C ASN A 420 7.73 4.34 0.27
N ILE A 421 6.57 3.89 0.73
CA ILE A 421 5.39 3.83 -0.12
C ILE A 421 4.55 5.08 0.09
N LEU A 422 4.32 5.43 1.35
CA LEU A 422 3.62 6.66 1.70
C LEU A 422 4.39 7.87 1.20
N SER A 423 5.72 7.83 1.34
CA SER A 423 6.58 8.91 0.91
C SER A 423 6.44 9.19 -0.59
N ALA A 424 6.23 8.12 -1.36
CA ALA A 424 6.10 8.23 -2.81
C ALA A 424 4.84 9.00 -3.19
N ALA A 425 3.75 8.76 -2.46
CA ALA A 425 2.48 9.41 -2.73
C ALA A 425 2.55 10.91 -2.54
N ALA A 426 3.41 11.35 -1.62
CA ALA A 426 3.58 12.77 -1.34
C ALA A 426 4.67 13.37 -2.23
N LYS A 427 5.71 12.58 -2.49
CA LYS A 427 6.83 13.04 -3.31
C LYS A 427 6.37 13.40 -4.72
N SER A 428 5.38 12.65 -5.21
CA SER A 428 4.84 12.87 -6.55
C SER A 428 5.94 12.88 -7.60
N SER A 429 6.77 11.84 -7.58
CA SER A 429 7.89 11.73 -8.51
C SER A 429 7.42 11.29 -9.89
N SER A 430 7.89 11.98 -10.92
CA SER A 430 7.56 11.64 -12.30
C SER A 430 8.70 12.06 -13.22
N LYS A 431 8.42 12.07 -14.52
CA LYS A 431 9.42 12.46 -15.50
C LYS A 431 9.54 13.97 -15.63
N HIS A 432 9.50 14.66 -14.48
CA HIS A 432 9.73 16.12 -14.40
C HIS A 432 8.89 16.81 -13.30
N PRO A 433 9.14 18.11 -13.06
CA PRO A 433 8.76 18.84 -11.84
C PRO A 433 7.43 18.47 -11.18
N PRO A 434 7.41 18.57 -9.84
CA PRO A 434 6.21 18.42 -9.01
C PRO A 434 5.20 19.52 -9.31
N SER A 435 3.93 19.16 -9.36
CA SER A 435 2.87 20.12 -9.69
C SER A 435 2.81 21.31 -8.75
N PHE A 436 2.62 22.50 -9.33
CA PHE A 436 2.33 23.72 -8.57
C PHE A 436 3.52 24.27 -7.76
N ILE A 437 4.69 23.65 -7.92
CA ILE A 437 5.89 24.17 -7.29
C ILE A 437 6.63 25.07 -8.27
N SER A 438 6.86 26.32 -7.88
CA SER A 438 7.53 27.28 -8.75
C SER A 438 8.95 26.83 -9.06
N GLN A 439 9.46 27.23 -10.23
CA GLN A 439 10.84 26.92 -10.59
C GLN A 439 11.79 27.36 -9.48
N GLU A 440 11.50 28.51 -8.90
CA GLU A 440 12.31 29.08 -7.84
C GLU A 440 12.46 28.11 -6.67
N ASP A 441 11.42 27.33 -6.42
CA ASP A 441 11.38 26.45 -5.25
C ASP A 441 11.74 25.00 -5.55
N ARG A 442 11.80 24.64 -6.83
CA ARG A 442 12.07 23.25 -7.23
C ARG A 442 13.31 22.65 -6.58
N PRO A 443 14.42 23.40 -6.53
CA PRO A 443 15.65 22.89 -5.91
C PRO A 443 15.43 22.48 -4.45
N ILE A 444 15.12 23.46 -3.59
CA ILE A 444 14.95 23.20 -2.17
C ILE A 444 13.86 22.16 -1.89
N PHE A 445 12.77 22.24 -2.63
CA PHE A 445 11.66 21.30 -2.45
C PHE A 445 12.09 19.87 -2.76
N GLU A 446 12.73 19.68 -3.90
CA GLU A 446 13.16 18.36 -4.33
C GLU A 446 14.19 17.78 -3.37
N LYS A 447 14.92 18.65 -2.68
CA LYS A 447 16.00 18.21 -1.81
C LYS A 447 15.56 17.91 -0.39
N TYR A 448 14.56 18.64 0.10
CA TYR A 448 14.17 18.54 1.50
C TYR A 448 12.76 18.01 1.74
N GLN A 449 12.00 17.81 0.67
CA GLN A 449 10.61 17.35 0.79
C GLN A 449 10.50 16.05 1.58
N SER A 450 11.33 15.08 1.21
CA SER A 450 11.31 13.77 1.88
C SER A 450 11.62 13.90 3.36
N ASP A 451 12.69 14.62 3.69
CA ASP A 451 13.11 14.78 5.08
C ASP A 451 12.03 15.45 5.93
N SER A 452 11.44 16.52 5.41
CA SER A 452 10.39 17.22 6.12
C SER A 452 9.17 16.31 6.31
N PHE A 453 8.88 15.50 5.30
CA PHE A 453 7.74 14.59 5.37
C PHE A 453 7.90 13.60 6.52
N GLU A 454 9.08 13.00 6.62
CA GLU A 454 9.38 12.03 7.67
C GLU A 454 9.30 12.65 9.06
N VAL A 455 9.91 13.83 9.20
CA VAL A 455 9.85 14.57 10.46
C VAL A 455 8.40 14.79 10.90
N GLN A 456 7.58 15.22 9.96
CA GLN A 456 6.18 15.50 10.24
C GLN A 456 5.37 14.24 10.57
N VAL A 457 5.68 13.15 9.89
CA VAL A 457 4.99 11.89 10.15
C VAL A 457 5.27 11.42 11.58
N ASP A 458 6.53 11.41 11.96
CA ASP A 458 6.93 10.97 13.29
C ASP A 458 6.29 11.81 14.39
N ILE A 459 6.37 13.13 14.27
CA ILE A 459 5.76 14.01 15.27
C ILE A 459 4.25 13.81 15.31
N HIS A 460 3.64 13.81 14.12
CA HIS A 460 2.22 13.57 13.96
C HIS A 460 1.75 12.34 14.74
N GLU A 461 2.49 11.25 14.60
CA GLU A 461 2.04 9.98 15.18
C GLU A 461 2.34 9.85 16.66
N LEU A 462 3.44 10.45 17.11
CA LEU A 462 3.84 10.32 18.50
C LEU A 462 3.25 11.43 19.37
N LEU A 463 3.61 12.67 19.07
CA LEU A 463 3.17 13.81 19.87
C LEU A 463 1.81 14.33 19.41
N GLY A 464 1.50 14.13 18.14
CA GLY A 464 0.22 14.56 17.60
C GLY A 464 -0.91 13.79 18.25
N HIS A 465 -1.10 12.54 17.83
CA HIS A 465 -2.17 11.71 18.36
C HIS A 465 -1.99 11.41 19.85
N GLY A 466 -0.73 11.38 20.29
CA GLY A 466 -0.42 11.00 21.66
C GLY A 466 -0.82 12.03 22.70
N SER A 467 -1.01 13.27 22.29
CA SER A 467 -1.27 14.35 23.24
C SER A 467 -2.77 14.55 23.47
N GLY A 468 -3.09 15.18 24.60
CA GLY A 468 -4.47 15.57 24.89
C GLY A 468 -5.16 14.77 25.97
N LYS A 469 -6.02 15.43 26.72
CA LYS A 469 -6.87 14.77 27.70
C LYS A 469 -8.31 15.28 27.56
N LEU A 470 -9.24 14.36 27.36
CA LEU A 470 -10.65 14.72 27.25
C LEU A 470 -11.24 14.94 28.63
N LEU A 471 -11.90 16.09 28.83
CA LEU A 471 -12.63 16.32 30.06
C LEU A 471 -13.76 15.30 30.13
N THR A 472 -13.62 14.33 31.03
CA THR A 472 -14.49 13.16 31.02
C THR A 472 -15.14 12.87 32.37
N GLU A 473 -16.38 12.38 32.32
CA GLU A 473 -17.09 11.92 33.50
C GLU A 473 -17.04 10.41 33.59
N PHE A 474 -16.74 9.90 34.79
CA PHE A 474 -16.73 8.46 35.03
C PHE A 474 -17.85 8.13 36.00
N THR A 475 -18.13 6.83 36.17
CA THR A 475 -19.23 6.39 37.02
C THR A 475 -19.21 7.03 38.40
N ASP A 476 -18.02 7.42 38.85
CA ASP A 476 -17.88 8.04 40.17
C ASP A 476 -16.80 9.12 40.20
N GLY A 477 -17.02 10.20 39.46
CA GLY A 477 -16.11 11.33 39.45
C GLY A 477 -15.66 11.78 38.08
N PHE A 478 -15.01 12.94 38.03
CA PHE A 478 -14.49 13.49 36.78
C PHE A 478 -12.96 13.53 36.81
N ASN A 479 -12.36 13.60 35.63
CA ASN A 479 -10.90 13.73 35.55
C ASN A 479 -10.49 15.20 35.46
N PHE A 480 -11.40 16.08 35.89
CA PHE A 480 -11.14 17.50 35.90
C PHE A 480 -11.92 18.15 37.04
N ASP A 481 -11.62 19.41 37.34
CA ASP A 481 -12.32 20.13 38.39
C ASP A 481 -13.71 20.53 37.92
N LYS A 482 -14.70 19.70 38.25
CA LYS A 482 -16.07 19.94 37.83
C LYS A 482 -16.61 21.27 38.36
N GLU A 483 -16.22 21.61 39.60
CA GLU A 483 -16.68 22.84 40.24
C GLU A 483 -16.15 24.07 39.52
N ASN A 484 -14.86 24.04 39.19
CA ASN A 484 -14.23 25.13 38.45
C ASN A 484 -13.51 24.59 37.22
N PRO A 485 -14.27 24.30 36.15
CA PRO A 485 -13.76 23.67 34.93
C PRO A 485 -12.70 24.53 34.26
N PRO A 486 -11.82 23.90 33.45
CA PRO A 486 -10.78 24.62 32.72
C PRO A 486 -11.37 25.77 31.91
N LEU A 487 -10.53 26.77 31.63
CA LEU A 487 -10.96 27.93 30.87
C LEU A 487 -10.96 27.65 29.37
N GLY A 488 -11.94 28.20 28.66
CA GLY A 488 -12.02 28.06 27.23
C GLY A 488 -11.14 29.07 26.53
N LEU A 489 -11.26 29.13 25.21
CA LEU A 489 -10.46 30.05 24.41
C LEU A 489 -10.78 31.50 24.72
N ASP A 490 -11.95 31.74 25.29
CA ASP A 490 -12.39 33.09 25.62
C ASP A 490 -12.01 33.48 27.05
N GLY A 491 -11.41 32.56 27.79
CA GLY A 491 -10.96 32.84 29.14
C GLY A 491 -12.01 32.50 30.20
N LYS A 492 -13.12 31.93 29.76
CA LYS A 492 -14.19 31.55 30.68
C LYS A 492 -14.27 30.03 30.82
N PRO A 493 -14.66 29.56 32.02
CA PRO A 493 -14.78 28.12 32.28
C PRO A 493 -15.68 27.41 31.28
N VAL A 494 -15.18 26.34 30.68
CA VAL A 494 -15.98 25.54 29.75
C VAL A 494 -17.14 24.89 30.49
N SER A 495 -18.26 24.72 29.80
CA SER A 495 -19.44 24.10 30.39
C SER A 495 -19.68 22.72 29.80
N THR A 496 -18.87 22.37 28.80
CA THR A 496 -19.01 21.08 28.13
C THR A 496 -18.02 20.06 28.65
N TYR A 497 -18.31 18.78 28.39
CA TYR A 497 -17.43 17.69 28.77
C TYR A 497 -17.98 16.38 28.20
N TYR A 498 -17.23 15.31 28.35
CA TYR A 498 -17.68 13.99 27.88
C TYR A 498 -18.39 13.24 29.00
N LYS A 499 -19.71 13.11 28.87
CA LYS A 499 -20.49 12.37 29.85
C LYS A 499 -20.08 10.90 29.83
N VAL A 500 -20.51 10.16 30.85
CA VAL A 500 -20.16 8.75 30.96
C VAL A 500 -20.57 8.00 29.70
N GLY A 501 -19.64 7.23 29.14
CA GLY A 501 -19.91 6.44 27.95
C GLY A 501 -19.62 7.19 26.66
N GLU A 502 -19.59 8.52 26.74
CA GLU A 502 -19.32 9.34 25.56
C GLU A 502 -17.84 9.33 25.19
N THR A 503 -17.56 9.25 23.89
CA THR A 503 -16.20 9.24 23.40
C THR A 503 -15.99 10.30 22.33
N TRP A 504 -14.73 10.52 21.96
CA TRP A 504 -14.38 11.42 20.87
C TRP A 504 -15.21 11.06 19.63
N GLY A 505 -15.17 9.78 19.26
CA GLY A 505 -15.88 9.30 18.10
C GLY A 505 -17.39 9.46 18.15
N SER A 506 -17.97 9.16 19.31
CA SER A 506 -19.42 9.21 19.45
C SER A 506 -19.94 10.65 19.47
N LYS A 507 -19.19 11.54 20.09
CA LYS A 507 -19.62 12.93 20.24
C LYS A 507 -19.49 13.72 18.95
N PHE A 508 -18.35 13.59 18.28
CA PHE A 508 -18.10 14.33 17.05
C PHE A 508 -18.47 13.55 15.79
N GLY A 509 -18.96 12.33 15.98
CA GLY A 509 -19.40 11.50 14.87
C GLY A 509 -18.36 11.35 13.77
N GLN A 510 -18.80 11.45 12.53
CA GLN A 510 -17.94 11.24 11.38
C GLN A 510 -16.88 12.33 11.23
N LEU A 511 -17.13 13.49 11.83
CA LEU A 511 -16.19 14.61 11.76
C LEU A 511 -14.94 14.34 12.59
N ALA A 512 -15.06 13.44 13.55
CA ALA A 512 -13.95 13.13 14.46
C ALA A 512 -12.69 12.71 13.71
N GLY A 513 -12.86 11.89 12.68
CA GLY A 513 -11.76 11.40 11.88
C GLY A 513 -10.86 12.48 11.32
N PRO A 514 -11.38 13.29 10.39
CA PRO A 514 -10.65 14.39 9.77
C PRO A 514 -10.19 15.44 10.79
N PHE A 515 -11.04 15.72 11.76
CA PHE A 515 -10.73 16.70 12.80
C PHE A 515 -9.44 16.32 13.54
N GLU A 516 -9.38 15.08 14.01
CA GLU A 516 -8.22 14.62 14.77
C GLU A 516 -6.96 14.47 13.91
N GLU A 517 -7.13 14.01 12.68
CA GLU A 517 -6.00 13.95 11.76
C GLU A 517 -5.44 15.35 11.54
N CYS A 518 -6.34 16.34 11.47
CA CYS A 518 -5.91 17.71 11.30
C CYS A 518 -5.12 18.16 12.52
N ARG A 519 -5.68 17.94 13.70
CA ARG A 519 -5.02 18.31 14.95
C ARG A 519 -3.61 17.73 15.02
N ALA A 520 -3.47 16.46 14.66
CA ALA A 520 -2.17 15.81 14.68
C ALA A 520 -1.22 16.44 13.68
N GLU A 521 -1.75 16.76 12.50
CA GLU A 521 -0.96 17.40 11.45
C GLU A 521 -0.47 18.78 11.87
N VAL A 522 -1.34 19.54 12.52
CA VAL A 522 -1.00 20.89 12.95
C VAL A 522 0.02 20.87 14.08
N ILE A 523 -0.10 19.89 14.97
CA ILE A 523 0.90 19.68 16.02
C ILE A 523 2.27 19.44 15.40
N ALA A 524 2.32 18.64 14.34
CA ALA A 524 3.57 18.40 13.63
C ALA A 524 4.12 19.68 13.03
N MET A 525 3.25 20.44 12.36
CA MET A 525 3.66 21.71 11.77
C MET A 525 4.14 22.67 12.86
N PHE A 526 3.49 22.61 14.01
CA PHE A 526 3.82 23.50 15.13
C PHE A 526 5.23 23.23 15.63
N LEU A 527 5.54 21.95 15.84
CA LEU A 527 6.82 21.56 16.42
C LEU A 527 7.94 21.46 15.38
N LEU A 528 7.58 21.57 14.11
CA LEU A 528 8.55 21.48 13.03
C LEU A 528 9.66 22.51 13.20
N THR A 529 9.30 23.68 13.74
CA THR A 529 10.24 24.79 13.88
C THR A 529 11.01 24.78 15.20
N ASN A 530 10.76 23.78 16.03
CA ASN A 530 11.46 23.68 17.32
C ASN A 530 12.91 23.23 17.16
N LYS A 531 13.82 23.97 17.79
CA LYS A 531 15.26 23.72 17.65
C LYS A 531 15.69 22.32 18.04
N LYS A 532 15.27 21.86 19.21
CA LYS A 532 15.66 20.55 19.70
C LYS A 532 15.05 19.43 18.85
N ILE A 533 13.82 19.65 18.38
CA ILE A 533 13.16 18.71 17.48
C ILE A 533 14.06 18.46 16.27
N LEU A 534 14.49 19.54 15.62
CA LEU A 534 15.36 19.43 14.45
C LEU A 534 16.67 18.73 14.77
N ASP A 535 17.26 19.05 15.92
CA ASP A 535 18.48 18.37 16.37
C ASP A 535 18.26 16.86 16.45
N ILE A 536 17.16 16.47 17.09
CA ILE A 536 16.81 15.06 17.23
C ILE A 536 16.72 14.38 15.88
N PHE A 537 16.17 15.09 14.89
CA PHE A 537 16.00 14.53 13.56
C PHE A 537 17.24 14.69 12.68
N GLY A 538 18.28 15.30 13.22
CA GLY A 538 19.57 15.34 12.55
C GLY A 538 19.85 16.59 11.74
N PHE A 539 19.08 17.65 11.99
CA PHE A 539 19.32 18.93 11.34
C PHE A 539 19.84 19.93 12.36
N HIS A 540 21.15 20.04 12.44
CA HIS A 540 21.82 20.78 13.51
C HIS A 540 22.22 22.21 13.14
N ASP A 541 22.41 22.47 11.86
CA ASP A 541 22.78 23.81 11.42
C ASP A 541 21.55 24.62 10.98
N VAL A 542 21.57 25.91 11.28
CA VAL A 542 20.42 26.78 11.02
C VAL A 542 20.01 26.80 9.55
N GLU A 543 20.98 26.69 8.65
CA GLU A 543 20.69 26.74 7.22
C GLU A 543 19.82 25.56 6.76
N SER A 544 20.22 24.35 7.12
CA SER A 544 19.48 23.16 6.73
C SER A 544 18.15 23.09 7.46
N GLN A 545 18.13 23.57 8.70
CA GLN A 545 16.90 23.62 9.49
C GLN A 545 15.83 24.45 8.78
N ASP A 546 16.19 25.68 8.41
CA ASP A 546 15.25 26.58 7.76
C ASP A 546 14.75 26.03 6.43
N LYS A 547 15.59 25.24 5.76
CA LYS A 547 15.20 24.61 4.51
C LYS A 547 14.17 23.50 4.75
N VAL A 548 14.39 22.70 5.80
CA VAL A 548 13.44 21.66 6.16
C VAL A 548 12.11 22.27 6.52
N ILE A 549 12.14 23.35 7.30
CA ILE A 549 10.95 24.07 7.67
C ILE A 549 10.21 24.59 6.43
N TYR A 550 10.93 25.29 5.56
CA TYR A 550 10.36 25.84 4.35
C TYR A 550 9.70 24.75 3.51
N ALA A 551 10.42 23.65 3.32
CA ALA A 551 9.90 22.52 2.55
C ALA A 551 8.65 21.94 3.20
N GLY A 552 8.61 21.98 4.52
CA GLY A 552 7.48 21.43 5.26
C GLY A 552 6.21 22.23 5.02
N TYR A 553 6.33 23.55 5.10
CA TYR A 553 5.21 24.45 4.85
C TYR A 553 4.78 24.40 3.38
N LEU A 554 5.75 24.36 2.49
CA LEU A 554 5.49 24.31 1.06
C LEU A 554 4.77 23.03 0.69
N GLN A 555 5.24 21.91 1.24
CA GLN A 555 4.66 20.60 0.99
C GLN A 555 3.24 20.52 1.52
N MET A 556 2.99 21.16 2.65
CA MET A 556 1.66 21.16 3.25
C MET A 556 0.69 21.98 2.41
N ALA A 557 1.16 23.14 1.96
CA ALA A 557 0.35 23.98 1.06
C ALA A 557 -0.05 23.18 -0.17
N ARG A 558 0.93 22.53 -0.78
CA ARG A 558 0.70 21.74 -1.98
C ARG A 558 -0.26 20.58 -1.70
N ALA A 559 -0.06 19.90 -0.58
CA ALA A 559 -0.91 18.77 -0.22
C ALA A 559 -2.36 19.20 -0.06
N GLY A 560 -2.58 20.38 0.51
CA GLY A 560 -3.92 20.90 0.70
C GLY A 560 -4.62 21.22 -0.61
N LEU A 561 -3.83 21.54 -1.62
CA LEU A 561 -4.38 21.84 -2.93
C LEU A 561 -4.64 20.56 -3.72
N LEU A 562 -3.72 19.62 -3.64
CA LEU A 562 -3.89 18.33 -4.29
C LEU A 562 -5.12 17.62 -3.73
N ALA A 563 -5.45 17.92 -2.48
CA ALA A 563 -6.58 17.30 -1.79
C ALA A 563 -7.90 17.59 -2.48
N LEU A 564 -7.95 18.66 -3.26
CA LEU A 564 -9.19 19.07 -3.94
C LEU A 564 -9.74 17.94 -4.80
N GLU A 565 -8.87 17.04 -5.25
CA GLU A 565 -9.31 15.90 -6.05
C GLU A 565 -10.31 15.04 -5.30
N TYR A 566 -10.14 14.96 -3.98
CA TYR A 566 -10.97 14.09 -3.16
C TYR A 566 -12.11 14.84 -2.48
N TRP A 567 -12.48 15.96 -3.08
CA TRP A 567 -13.65 16.72 -2.64
C TRP A 567 -14.67 16.74 -3.77
N ASN A 568 -15.91 16.37 -3.45
CA ASN A 568 -16.97 16.34 -4.44
C ASN A 568 -17.66 17.68 -4.59
N PRO A 569 -17.44 18.36 -5.72
CA PRO A 569 -18.00 19.70 -5.94
C PRO A 569 -19.52 19.69 -5.99
N LYS A 570 -20.11 18.53 -6.24
CA LYS A 570 -21.56 18.41 -6.37
C LYS A 570 -22.22 18.29 -5.00
N THR A 571 -21.62 17.50 -4.12
CA THR A 571 -22.20 17.25 -2.80
C THR A 571 -21.51 18.04 -1.70
N GLY A 572 -20.26 18.45 -1.97
CA GLY A 572 -19.49 19.21 -1.00
C GLY A 572 -18.91 18.34 0.10
N LYS A 573 -18.95 17.03 -0.11
CA LYS A 573 -18.45 16.08 0.89
C LYS A 573 -17.03 15.61 0.56
N TRP A 574 -16.22 15.44 1.59
CA TRP A 574 -14.85 14.98 1.43
C TRP A 574 -14.77 13.46 1.35
N GLY A 575 -13.83 12.97 0.54
CA GLY A 575 -13.69 11.54 0.32
C GLY A 575 -12.64 10.88 1.19
N GLN A 576 -11.77 11.68 1.78
CA GLN A 576 -10.71 11.17 2.65
C GLN A 576 -10.38 12.15 3.77
N PRO A 577 -10.39 11.67 5.02
CA PRO A 577 -10.15 12.48 6.22
C PRO A 577 -8.85 13.27 6.14
N HIS A 578 -7.77 12.60 5.73
CA HIS A 578 -6.47 13.23 5.64
CA HIS A 578 -6.47 13.23 5.64
C HIS A 578 -6.45 14.36 4.63
N MET A 579 -7.21 14.19 3.54
CA MET A 579 -7.28 15.20 2.50
C MET A 579 -8.01 16.44 3.00
N GLN A 580 -9.14 16.23 3.68
CA GLN A 580 -9.91 17.32 4.23
C GLN A 580 -9.08 18.10 5.25
N ALA A 581 -8.30 17.37 6.05
CA ALA A 581 -7.46 17.99 7.07
C ALA A 581 -6.37 18.85 6.43
N ARG A 582 -5.66 18.28 5.47
CA ARG A 582 -4.60 18.99 4.79
C ARG A 582 -5.12 20.23 4.09
N PHE A 583 -6.27 20.11 3.43
CA PHE A 583 -6.87 21.26 2.77
C PHE A 583 -7.15 22.37 3.77
N SER A 584 -7.72 22.03 4.90
CA SER A 584 -8.07 23.02 5.91
C SER A 584 -6.83 23.75 6.39
N ILE A 585 -5.69 23.07 6.37
CA ILE A 585 -4.44 23.66 6.81
C ILE A 585 -3.88 24.60 5.74
N MET A 586 -3.93 24.17 4.48
CA MET A 586 -3.53 25.02 3.37
C MET A 586 -4.41 26.27 3.32
N LYS A 587 -5.70 26.08 3.57
CA LYS A 587 -6.66 27.18 3.60
C LYS A 587 -6.35 28.12 4.76
N THR A 588 -5.86 27.55 5.86
CA THR A 588 -5.46 28.34 7.02
C THR A 588 -4.27 29.25 6.68
N PHE A 589 -3.27 28.71 6.00
CA PHE A 589 -2.14 29.51 5.55
C PHE A 589 -2.63 30.69 4.73
N MET A 590 -3.51 30.38 3.78
CA MET A 590 -3.90 31.33 2.75
C MET A 590 -4.86 32.43 3.24
N LYS A 591 -5.81 32.07 4.09
CA LYS A 591 -6.90 32.98 4.43
C LYS A 591 -6.97 33.38 5.91
N HIS A 592 -6.19 32.74 6.76
CA HIS A 592 -6.26 33.00 8.20
C HIS A 592 -4.94 33.42 8.83
N SER A 593 -3.97 33.78 7.99
CA SER A 593 -2.69 34.29 8.49
C SER A 593 -2.81 35.79 8.73
N THR A 594 -1.93 36.33 9.57
CA THR A 594 -1.94 37.76 9.85
C THR A 594 -1.48 38.55 8.63
N ASP A 595 -0.88 37.86 7.66
CA ASP A 595 -0.39 38.50 6.45
C ASP A 595 -0.93 37.81 5.20
N LYS A 596 -1.74 38.54 4.43
CA LYS A 596 -2.38 38.00 3.23
C LYS A 596 -1.37 37.46 2.21
N ASN A 597 -0.13 37.94 2.30
CA ASN A 597 0.88 37.57 1.32
C ASN A 597 1.75 36.41 1.77
N PHE A 598 1.32 35.69 2.80
CA PHE A 598 2.06 34.53 3.27
C PHE A 598 1.94 33.40 2.25
N LEU A 599 0.70 33.13 1.82
CA LEU A 599 0.46 32.12 0.79
C LEU A 599 -0.42 32.69 -0.32
N LYS A 600 0.12 32.69 -1.54
CA LYS A 600 -0.60 33.17 -2.71
C LYS A 600 -0.47 32.16 -3.85
N LEU A 601 -1.41 32.23 -4.79
CA LEU A 601 -1.36 31.34 -5.96
C LEU A 601 -1.27 32.17 -7.24
N GLU A 602 -0.16 32.02 -7.96
CA GLU A 602 0.04 32.76 -9.21
C GLU A 602 -0.44 31.95 -10.41
N MET A 603 -1.56 32.39 -10.99
CA MET A 603 -2.11 31.73 -12.16
C MET A 603 -1.30 32.06 -13.40
N ASN A 604 -1.18 31.10 -14.32
CA ASN A 604 -0.59 31.40 -15.62
C ASN A 604 -1.59 32.15 -16.49
N SER A 605 -1.12 32.64 -17.64
CA SER A 605 -1.95 33.51 -18.48
C SER A 605 -3.19 32.80 -19.04
N THR A 606 -3.17 31.47 -19.07
CA THR A 606 -4.28 30.71 -19.63
C THR A 606 -5.16 30.09 -18.54
N ASN A 607 -4.91 30.46 -17.29
CA ASN A 607 -5.70 29.98 -16.17
C ASN A 607 -5.94 28.47 -16.18
N ASP A 608 -4.91 27.72 -16.54
CA ASP A 608 -4.99 26.25 -16.52
C ASP A 608 -3.79 25.67 -15.79
N ASP A 609 -3.10 26.52 -15.03
CA ASP A 609 -1.99 26.09 -14.19
C ASP A 609 -1.60 27.24 -13.26
N PHE A 610 -0.98 26.92 -12.14
CA PHE A 610 -0.58 27.95 -11.18
C PHE A 610 0.66 27.54 -10.40
N ALA A 611 1.27 28.52 -9.74
CA ALA A 611 2.46 28.28 -8.94
C ALA A 611 2.24 28.77 -7.52
N ILE A 612 2.64 27.96 -6.54
CA ILE A 612 2.47 28.31 -5.14
C ILE A 612 3.53 29.32 -4.70
N LYS A 613 3.07 30.46 -4.20
CA LYS A 613 3.96 31.49 -3.69
C LYS A 613 3.85 31.57 -2.18
N LEU A 614 4.75 30.90 -1.48
CA LEU A 614 4.78 30.92 -0.03
C LEU A 614 6.00 31.70 0.46
N ASP A 615 5.76 32.72 1.27
CA ASP A 615 6.83 33.59 1.73
C ASP A 615 7.59 32.97 2.90
N LYS A 616 8.78 32.42 2.60
CA LYS A 616 9.60 31.77 3.60
C LYS A 616 9.89 32.67 4.80
N SER A 617 10.12 33.95 4.54
CA SER A 617 10.48 34.90 5.59
C SER A 617 9.34 35.21 6.54
N LEU A 618 8.15 34.70 6.23
CA LEU A 618 6.97 34.93 7.07
C LEU A 618 6.63 33.70 7.90
N ILE A 619 7.35 32.61 7.67
CA ILE A 619 7.11 31.36 8.39
C ILE A 619 7.25 31.54 9.90
N LYS A 620 8.29 32.26 10.31
CA LYS A 620 8.55 32.48 11.73
C LYS A 620 7.40 33.22 12.39
N THR A 621 6.80 34.16 11.68
CA THR A 621 5.77 35.02 12.25
C THR A 621 4.35 34.59 11.86
N ALA A 622 3.89 35.04 10.71
CA ALA A 622 2.54 34.73 10.25
C ALA A 622 2.31 33.22 10.17
N GLY A 623 3.24 32.51 9.53
CA GLY A 623 3.12 31.08 9.38
C GLY A 623 2.89 30.35 10.70
N HIS A 624 3.83 30.51 11.62
CA HIS A 624 3.77 29.82 12.90
C HIS A 624 2.54 30.23 13.70
N GLU A 625 2.17 31.50 13.63
CA GLU A 625 1.08 32.04 14.43
C GLU A 625 -0.30 31.56 13.96
N CYS A 626 -0.48 31.39 12.66
CA CYS A 626 -1.76 30.89 12.15
C CYS A 626 -1.87 29.37 12.40
N VAL A 627 -0.74 28.70 12.43
CA VAL A 627 -0.71 27.27 12.78
C VAL A 627 -0.99 27.08 14.27
N LYS A 628 -0.31 27.87 15.09
CA LYS A 628 -0.52 27.83 16.54
C LYS A 628 -1.96 28.20 16.89
N ASP A 629 -2.51 29.16 16.14
CA ASP A 629 -3.88 29.62 16.35
C ASP A 629 -4.86 28.49 16.04
N TYR A 630 -4.70 27.89 14.87
CA TYR A 630 -5.56 26.80 14.44
C TYR A 630 -5.51 25.65 15.45
N LEU A 631 -4.29 25.34 15.89
CA LEU A 631 -4.07 24.25 16.83
C LEU A 631 -4.76 24.47 18.18
N LYS A 632 -4.65 25.69 18.71
CA LYS A 632 -5.27 26.01 20.00
C LYS A 632 -6.77 25.75 19.98
N HIS A 633 -7.43 26.21 18.94
CA HIS A 633 -8.87 26.04 18.81
C HIS A 633 -9.24 24.55 18.69
N LEU A 634 -8.58 23.85 17.77
CA LEU A 634 -8.86 22.43 17.56
C LEU A 634 -8.72 21.66 18.86
N HIS A 635 -7.62 21.87 19.57
CA HIS A 635 -7.33 21.10 20.77
C HIS A 635 -8.32 21.38 21.91
N VAL A 636 -8.53 22.66 22.21
CA VAL A 636 -9.44 23.02 23.28
C VAL A 636 -10.86 22.55 22.97
N TYR A 637 -11.30 22.75 21.73
CA TYR A 637 -12.61 22.29 21.31
C TYR A 637 -12.76 20.79 21.53
N LYS A 638 -11.80 20.01 21.05
CA LYS A 638 -11.85 18.56 21.21
C LYS A 638 -11.89 18.14 22.67
N CYS A 639 -10.94 18.65 23.45
CA CYS A 639 -10.77 18.21 24.83
C CYS A 639 -11.89 18.65 25.75
N SER A 640 -12.45 19.83 25.49
CA SER A 640 -13.57 20.32 26.30
C SER A 640 -14.89 19.74 25.82
N GLY A 641 -14.83 18.89 24.79
CA GLY A 641 -16.02 18.23 24.28
C GLY A 641 -17.00 19.20 23.63
N ASP A 642 -16.48 20.34 23.18
CA ASP A 642 -17.32 21.38 22.59
C ASP A 642 -17.68 21.04 21.14
N VAL A 643 -18.59 20.09 20.98
CA VAL A 643 -18.95 19.59 19.66
C VAL A 643 -19.60 20.67 18.79
N GLU A 644 -20.34 21.57 19.44
CA GLU A 644 -21.08 22.61 18.71
C GLU A 644 -20.16 23.65 18.06
N GLN A 645 -19.32 24.29 18.87
CA GLN A 645 -18.34 25.23 18.35
C GLN A 645 -17.29 24.51 17.50
N GLY A 646 -16.80 23.38 18.00
CA GLY A 646 -15.77 22.62 17.32
C GLY A 646 -16.15 22.23 15.90
N SER A 647 -17.37 21.73 15.73
CA SER A 647 -17.81 21.26 14.42
C SER A 647 -17.89 22.41 13.42
N LYS A 648 -18.56 23.49 13.79
CA LYS A 648 -18.68 24.64 12.93
C LYS A 648 -17.31 25.18 12.55
N TYR A 649 -16.43 25.26 13.54
CA TYR A 649 -15.08 25.78 13.34
C TYR A 649 -14.30 24.98 12.31
N PHE A 650 -14.30 23.66 12.45
CA PHE A 650 -13.53 22.81 11.56
C PHE A 650 -14.22 22.65 10.19
N ILE A 651 -15.55 22.58 10.20
CA ILE A 651 -16.29 22.47 8.95
C ILE A 651 -16.04 23.70 8.08
N ASP A 652 -16.06 24.88 8.70
CA ASP A 652 -15.79 26.13 7.99
C ASP A 652 -14.39 26.12 7.41
N ARG A 653 -13.42 25.79 8.26
CA ARG A 653 -12.01 25.82 7.86
C ARG A 653 -11.73 24.81 6.75
N SER A 654 -12.59 23.80 6.64
CA SER A 654 -12.43 22.77 5.62
C SER A 654 -13.41 22.97 4.47
N THR A 655 -14.08 24.11 4.44
CA THR A 655 -15.03 24.42 3.38
C THR A 655 -14.32 24.98 2.15
N VAL A 656 -14.57 24.37 1.00
CA VAL A 656 -13.94 24.82 -0.24
C VAL A 656 -14.61 26.09 -0.76
N THR A 657 -13.92 27.21 -0.61
CA THR A 657 -14.42 28.50 -1.07
C THR A 657 -14.41 28.60 -2.59
N PRO A 658 -15.30 29.44 -3.15
CA PRO A 658 -15.46 29.59 -4.61
C PRO A 658 -14.12 29.70 -5.35
N ASP A 659 -13.19 30.49 -4.82
CA ASP A 659 -11.90 30.68 -5.47
C ASP A 659 -11.09 29.39 -5.54
N LEU A 660 -11.06 28.64 -4.46
CA LEU A 660 -10.32 27.38 -4.41
C LEU A 660 -11.02 26.30 -5.23
N ALA A 661 -12.35 26.31 -5.19
CA ALA A 661 -13.14 25.36 -5.97
C ALA A 661 -12.81 25.49 -7.46
N SER A 662 -12.47 26.70 -7.88
CA SER A 662 -12.19 26.98 -9.28
C SER A 662 -10.90 26.31 -9.74
N LEU A 663 -10.10 25.83 -8.77
CA LEU A 663 -8.80 25.25 -9.08
C LEU A 663 -8.86 23.73 -9.21
N ARG A 664 -9.99 23.15 -8.85
CA ARG A 664 -10.09 21.69 -8.81
C ARG A 664 -9.79 21.03 -10.16
N ASP A 665 -10.39 21.56 -11.22
CA ASP A 665 -10.14 21.04 -12.56
C ASP A 665 -8.65 21.06 -12.88
N ILE A 666 -7.98 22.14 -12.52
CA ILE A 666 -6.54 22.25 -12.71
C ILE A 666 -5.82 21.14 -11.95
N VAL A 667 -6.19 20.96 -10.68
CA VAL A 667 -5.61 19.89 -9.88
C VAL A 667 -5.84 18.53 -10.55
N LEU A 668 -7.05 18.30 -11.04
CA LEU A 668 -7.37 17.02 -11.67
C LEU A 668 -6.53 16.77 -12.92
N SER A 669 -6.23 17.84 -13.65
CA SER A 669 -5.48 17.73 -14.90
C SER A 669 -4.01 17.40 -14.67
N LYS A 670 -3.51 17.75 -13.48
CA LYS A 670 -2.11 17.52 -13.15
C LYS A 670 -1.91 16.20 -12.41
N ARG A 671 -2.97 15.42 -12.29
CA ARG A 671 -2.90 14.11 -11.64
C ARG A 671 -1.99 13.15 -12.39
N LEU A 672 -1.07 12.53 -11.67
CA LEU A 672 -0.20 11.51 -12.23
C LEU A 672 -0.88 10.15 -12.18
N PRO A 673 -0.68 9.32 -13.22
CA PRO A 673 -1.27 7.99 -13.27
C PRO A 673 -0.80 7.12 -12.10
N ARG A 674 -1.43 5.98 -11.90
CA ARG A 674 -1.06 5.07 -10.82
C ARG A 674 0.43 4.79 -10.84
N ARG A 675 1.07 4.90 -9.67
CA ARG A 675 2.50 4.70 -9.56
C ARG A 675 2.89 3.24 -9.69
N GLN A 676 3.97 2.97 -10.40
CA GLN A 676 4.47 1.60 -10.56
C GLN A 676 5.80 1.45 -9.83
N PHE A 677 5.87 0.48 -8.93
CA PHE A 677 7.07 0.29 -8.11
C PHE A 677 7.99 -0.81 -8.64
N ILE A 678 9.28 -0.49 -8.70
CA ILE A 678 10.29 -1.47 -9.09
C ILE A 678 11.03 -1.95 -7.84
N GLN A 679 11.22 -3.25 -7.74
CA GLN A 679 11.84 -3.84 -6.55
C GLN A 679 13.26 -4.30 -6.83
N SER A 680 14.14 -4.12 -5.85
N SER A 680 14.14 -4.11 -5.86
CA SER A 680 15.52 -4.52 -5.97
CA SER A 680 15.54 -4.50 -5.99
C SER A 680 15.65 -6.03 -6.07
C SER A 680 15.69 -6.01 -6.00
N ASN A 681 16.81 -6.49 -6.54
CA ASN A 681 17.11 -7.90 -6.53
C ASN A 681 18.39 -8.12 -5.74
N SER A 682 18.37 -9.12 -4.87
CA SER A 682 19.51 -9.40 -4.01
C SER A 682 20.23 -10.68 -4.45
N TYR A 683 21.50 -10.77 -4.10
CA TYR A 683 22.29 -11.95 -4.38
C TYR A 683 23.52 -11.96 -3.48
N ILE A 684 24.11 -13.12 -3.29
CA ILE A 684 25.31 -13.24 -2.48
C ILE A 684 26.53 -13.29 -3.39
N ASP A 685 27.50 -12.40 -3.16
CA ASP A 685 28.67 -12.30 -4.01
C ASP A 685 29.80 -13.26 -3.60
N ASP A 686 30.91 -13.18 -4.33
CA ASP A 686 32.06 -14.04 -4.08
C ASP A 686 32.55 -13.96 -2.64
N ASN A 687 32.26 -12.84 -1.99
CA ASN A 687 32.70 -12.61 -0.62
C ASN A 687 31.61 -12.95 0.40
N ASN A 688 30.65 -13.78 -0.01
CA ASN A 688 29.52 -14.13 0.83
C ASN A 688 28.81 -12.89 1.38
N LYS A 689 28.63 -11.90 0.52
CA LYS A 689 28.05 -10.63 0.93
C LYS A 689 26.75 -10.40 0.15
N VAL A 690 25.69 -10.06 0.86
CA VAL A 690 24.42 -9.74 0.21
C VAL A 690 24.53 -8.42 -0.53
N THR A 691 24.25 -8.45 -1.83
CA THR A 691 24.34 -7.25 -2.66
C THR A 691 23.00 -6.96 -3.34
N LEU A 692 22.60 -5.70 -3.33
CA LEU A 692 21.33 -5.30 -3.95
C LEU A 692 21.55 -4.72 -5.34
N LYS A 693 20.76 -5.16 -6.31
CA LYS A 693 20.81 -4.61 -7.65
C LYS A 693 19.56 -3.77 -7.91
N GLU A 694 19.75 -2.55 -8.37
CA GLU A 694 18.64 -1.65 -8.65
C GLU A 694 18.47 -1.47 -10.15
N TYR A 695 17.43 -0.73 -10.54
CA TYR A 695 17.11 -0.57 -11.95
C TYR A 695 16.62 0.84 -12.27
N ASP A 696 16.79 1.24 -13.52
CA ASP A 696 16.29 2.53 -13.97
C ASP A 696 14.80 2.61 -13.76
N GLU A 697 14.29 3.81 -13.48
CA GLU A 697 12.87 4.01 -13.33
C GLU A 697 12.22 4.17 -14.70
N THR A 698 12.26 3.07 -15.45
CA THR A 698 11.75 3.04 -16.82
C THR A 698 11.06 1.71 -17.06
N PRO A 699 10.22 1.63 -18.10
CA PRO A 699 9.60 0.36 -18.48
C PRO A 699 10.64 -0.73 -18.68
N GLN A 700 11.77 -0.38 -19.30
CA GLN A 700 12.84 -1.35 -19.51
C GLN A 700 13.45 -1.76 -18.17
N GLY A 701 13.47 -0.84 -17.22
CA GLY A 701 13.99 -1.11 -15.90
C GLY A 701 13.11 -2.08 -15.15
N MET A 702 11.81 -1.85 -15.22
CA MET A 702 10.84 -2.75 -14.59
C MET A 702 10.98 -4.15 -15.19
N LEU A 703 11.06 -4.22 -16.52
CA LEU A 703 11.18 -5.50 -17.20
C LEU A 703 12.45 -6.22 -16.74
N GLN A 704 13.56 -5.50 -16.69
CA GLN A 704 14.83 -6.08 -16.30
C GLN A 704 14.76 -6.66 -14.88
N SER A 705 14.04 -5.97 -13.99
CA SER A 705 13.94 -6.41 -12.61
C SER A 705 13.28 -7.78 -12.50
N PHE A 706 12.41 -8.11 -13.46
CA PHE A 706 11.76 -9.41 -13.50
C PHE A 706 12.57 -10.44 -14.28
N LEU A 707 13.23 -9.99 -15.35
CA LEU A 707 14.10 -10.86 -16.11
C LEU A 707 15.18 -11.45 -15.20
N ASP A 708 15.69 -10.62 -14.30
CA ASP A 708 16.77 -11.04 -13.42
C ASP A 708 16.29 -11.99 -12.33
N ARG A 709 15.00 -12.30 -12.32
CA ARG A 709 14.42 -13.18 -11.31
C ARG A 709 14.09 -14.57 -11.87
N GLU A 710 14.07 -14.69 -13.19
CA GLU A 710 13.75 -15.97 -13.83
C GLU A 710 14.90 -16.97 -13.77
N LEU A 711 16.08 -16.55 -14.20
CA LEU A 711 17.26 -17.41 -14.16
C LEU A 711 18.54 -16.60 -14.28
#